data_2ARI
#
_entry.id   2ARI
#
_cell.length_a   1.000
_cell.length_b   1.000
_cell.length_c   1.000
_cell.angle_alpha   90.00
_cell.angle_beta   90.00
_cell.angle_gamma   90.00
#
_symmetry.space_group_name_H-M   'P 1'
#
_entity_poly.entity_id   1
_entity_poly.type   'polypeptide(L)'
_entity_poly.pdbx_seq_one_letter_code
;PAVGIGALFLGFLGAAGSTMGAASMTLTVQADYKDDDDK
;
_entity_poly.pdbx_strand_id   A
#
# COMPACT_ATOMS: atom_id res chain seq x y z
N ALA A 2 -1.96 -8.67 -21.19
CA ALA A 2 -3.05 -8.32 -20.24
C ALA A 2 -2.52 -8.33 -18.81
N VAL A 3 -2.50 -7.20 -18.17
CA VAL A 3 -2.01 -7.12 -16.76
C VAL A 3 -0.60 -7.71 -16.66
N GLY A 4 0.29 -7.33 -17.54
CA GLY A 4 1.69 -7.86 -17.48
C GLY A 4 2.58 -6.98 -16.59
N ILE A 5 3.02 -5.86 -17.10
CA ILE A 5 3.90 -4.96 -16.29
C ILE A 5 3.10 -4.38 -15.13
N GLY A 6 1.81 -4.31 -15.28
CA GLY A 6 0.95 -3.75 -14.17
C GLY A 6 1.34 -4.44 -12.85
N ALA A 7 1.85 -5.63 -12.96
CA ALA A 7 2.28 -6.42 -11.76
C ALA A 7 3.44 -5.74 -11.01
N LEU A 8 4.27 -5.02 -11.72
CA LEU A 8 5.44 -4.35 -11.05
C LEU A 8 4.97 -3.10 -10.30
N PHE A 9 4.13 -2.27 -10.86
CA PHE A 9 3.66 -1.10 -10.07
C PHE A 9 2.88 -1.65 -8.87
N LEU A 10 1.99 -2.59 -9.05
CA LEU A 10 1.20 -3.11 -7.90
C LEU A 10 2.15 -3.62 -6.80
N GLY A 11 3.15 -4.35 -7.17
CA GLY A 11 4.11 -4.91 -6.17
C GLY A 11 4.68 -3.81 -5.26
N PHE A 12 5.13 -2.70 -5.79
CA PHE A 12 5.73 -1.63 -4.92
C PHE A 12 4.69 -0.64 -4.39
N LEU A 13 3.68 -0.31 -5.16
CA LEU A 13 2.65 0.65 -4.67
C LEU A 13 1.96 0.03 -3.43
N GLY A 14 2.12 -1.25 -3.23
CA GLY A 14 1.48 -1.92 -2.05
C GLY A 14 2.37 -1.75 -0.82
N ALA A 15 3.50 -1.11 -0.98
CA ALA A 15 4.42 -0.86 0.18
C ALA A 15 4.03 0.47 0.83
N ALA A 16 3.69 1.41 0.00
CA ALA A 16 3.32 2.78 0.47
C ALA A 16 2.09 2.75 1.38
N GLY A 17 1.05 2.06 0.99
CA GLY A 17 -0.18 2.02 1.83
C GLY A 17 0.08 1.27 3.14
N SER A 18 0.85 0.22 3.05
CA SER A 18 1.15 -0.65 4.23
C SER A 18 2.08 0.04 5.24
N THR A 19 2.84 0.99 4.78
CA THR A 19 3.79 1.74 5.66
C THR A 19 3.08 2.94 6.27
N MET A 20 2.24 3.59 5.51
CA MET A 20 1.50 4.79 5.99
C MET A 20 0.34 4.35 6.89
N GLY A 21 0.00 3.10 6.87
CA GLY A 21 -1.12 2.60 7.72
C GLY A 21 -0.63 2.44 9.16
N ALA A 22 0.64 2.18 9.35
CA ALA A 22 1.17 2.01 10.73
C ALA A 22 1.21 3.37 11.44
N ALA A 23 1.43 4.42 10.70
CA ALA A 23 1.48 5.78 11.32
C ALA A 23 0.08 6.18 11.79
N SER A 24 -0.89 5.34 11.56
CA SER A 24 -2.29 5.65 11.96
C SER A 24 -2.46 5.37 13.46
N MET A 25 -1.49 5.75 14.26
CA MET A 25 -1.59 5.51 15.73
C MET A 25 -1.92 4.03 16.00
N THR A 26 -0.93 3.20 16.14
CA THR A 26 -1.19 1.76 16.39
C THR A 26 -1.76 1.58 17.80
N LEU A 27 -2.07 2.67 18.47
CA LEU A 27 -2.63 2.57 19.85
C LEU A 27 -3.94 1.78 19.79
N THR A 28 -5.02 2.42 19.41
CA THR A 28 -6.33 1.72 19.33
C THR A 28 -7.31 2.57 18.52
N VAL A 29 -7.08 3.85 18.43
CA VAL A 29 -7.99 4.73 17.66
C VAL A 29 -8.05 4.25 16.21
N GLN A 30 -9.17 4.42 15.56
CA GLN A 30 -9.28 3.97 14.14
C GLN A 30 -8.39 4.84 13.26
N ALA A 31 -8.94 5.86 12.65
CA ALA A 31 -8.11 6.74 11.78
C ALA A 31 -8.94 7.97 11.38
N ALA A 2 3.99 -11.33 -12.89
CA ALA A 2 3.15 -12.20 -13.77
C ALA A 2 2.14 -11.33 -14.53
N VAL A 3 1.40 -11.92 -15.43
CA VAL A 3 0.39 -11.16 -16.24
C VAL A 3 1.10 -10.11 -17.10
N GLY A 4 1.81 -9.21 -16.51
CA GLY A 4 2.53 -8.18 -17.30
C GLY A 4 3.19 -7.11 -16.42
N ILE A 5 3.42 -5.97 -17.01
CA ILE A 5 4.07 -4.83 -16.30
C ILE A 5 3.18 -4.29 -15.19
N GLY A 6 1.89 -4.35 -15.38
CA GLY A 6 0.95 -3.85 -14.31
C GLY A 6 1.33 -4.49 -12.97
N ALA A 7 1.85 -5.67 -13.02
CA ALA A 7 2.26 -6.42 -11.79
C ALA A 7 3.37 -5.71 -11.01
N LEU A 8 4.24 -5.01 -11.69
CA LEU A 8 5.37 -4.32 -10.98
C LEU A 8 4.87 -3.05 -10.26
N PHE A 9 4.02 -2.27 -10.89
CA PHE A 9 3.51 -1.07 -10.15
C PHE A 9 2.76 -1.59 -8.91
N LEU A 10 1.88 -2.55 -9.07
CA LEU A 10 1.12 -3.05 -7.88
C LEU A 10 2.07 -3.58 -6.80
N GLY A 11 3.06 -4.33 -7.20
CA GLY A 11 4.00 -4.91 -6.20
C GLY A 11 4.62 -3.83 -5.29
N PHE A 12 5.08 -2.72 -5.82
CA PHE A 12 5.71 -1.68 -4.95
C PHE A 12 4.69 -0.69 -4.38
N LEU A 13 3.67 -0.35 -5.11
CA LEU A 13 2.66 0.61 -4.58
C LEU A 13 1.98 -0.01 -3.35
N GLY A 14 2.16 -1.29 -3.14
CA GLY A 14 1.53 -1.97 -1.96
C GLY A 14 2.42 -1.78 -0.73
N ALA A 15 3.54 -1.12 -0.90
CA ALA A 15 4.46 -0.84 0.24
C ALA A 15 4.05 0.49 0.88
N ALA A 16 3.69 1.42 0.03
CA ALA A 16 3.31 2.79 0.49
C ALA A 16 2.08 2.74 1.39
N GLY A 17 1.06 2.04 1.00
CA GLY A 17 -0.18 1.99 1.84
C GLY A 17 0.10 1.26 3.16
N SER A 18 0.87 0.22 3.07
CA SER A 18 1.20 -0.65 4.24
C SER A 18 2.13 0.05 5.24
N THR A 19 2.88 1.01 4.76
CA THR A 19 3.83 1.77 5.63
C THR A 19 3.11 2.97 6.23
N MET A 20 2.27 3.61 5.46
CA MET A 20 1.53 4.82 5.93
C MET A 20 0.37 4.39 6.83
N GLY A 21 0.41 3.18 7.34
CA GLY A 21 -0.70 2.71 8.22
C GLY A 21 -0.68 3.51 9.53
N ALA A 22 0.39 4.21 9.79
CA ALA A 22 0.48 5.01 11.05
C ALA A 22 -0.46 6.22 10.93
N ALA A 23 -0.30 7.02 9.91
CA ALA A 23 -1.18 8.21 9.74
C ALA A 23 -2.57 7.77 9.30
N SER A 24 -3.04 6.66 9.80
CA SER A 24 -4.40 6.15 9.42
C SER A 24 -4.89 5.16 10.47
N MET A 25 -4.88 5.55 11.71
CA MET A 25 -5.35 4.63 12.79
C MET A 25 -4.60 3.29 12.72
N THR A 26 -3.61 3.10 13.54
CA THR A 26 -2.85 1.81 13.51
C THR A 26 -3.81 0.65 13.73
N LEU A 27 -3.30 -0.55 13.82
CA LEU A 27 -4.17 -1.73 14.03
C LEU A 27 -4.78 -1.66 15.44
N THR A 28 -4.00 -1.92 16.45
CA THR A 28 -4.52 -1.86 17.84
C THR A 28 -3.37 -2.03 18.83
N VAL A 29 -2.16 -1.85 18.38
CA VAL A 29 -0.99 -1.99 19.29
C VAL A 29 -1.13 -1.01 20.46
N GLN A 30 -0.22 -1.05 21.40
CA GLN A 30 -0.30 -0.13 22.57
C GLN A 30 -0.28 1.32 22.07
N ALA A 31 -1.19 2.13 22.54
CA ALA A 31 -1.23 3.55 22.09
C ALA A 31 0.05 4.26 22.55
N ALA A 2 3.43 -12.84 -21.43
CA ALA A 2 3.56 -11.39 -21.72
C ALA A 2 2.44 -10.62 -21.01
N VAL A 3 2.43 -9.32 -21.15
CA VAL A 3 1.38 -8.50 -20.49
C VAL A 3 1.34 -8.77 -18.99
N GLY A 4 1.90 -7.88 -18.23
CA GLY A 4 1.90 -8.04 -16.74
C GLY A 4 2.74 -6.96 -16.05
N ILE A 5 2.98 -5.85 -16.69
CA ILE A 5 3.79 -4.77 -16.05
C ILE A 5 2.99 -4.20 -14.87
N GLY A 6 1.68 -4.23 -14.97
CA GLY A 6 0.84 -3.73 -13.85
C GLY A 6 1.28 -4.42 -12.56
N ALA A 7 1.71 -5.65 -12.69
CA ALA A 7 2.17 -6.45 -11.50
C ALA A 7 3.39 -5.80 -10.85
N LEU A 8 4.20 -5.13 -11.62
CA LEU A 8 5.42 -4.48 -11.09
C LEU A 8 5.06 -3.20 -10.33
N PHE A 9 4.23 -2.36 -10.91
CA PHE A 9 3.84 -1.13 -10.14
C PHE A 9 3.08 -1.61 -8.89
N LEU A 10 2.14 -2.52 -9.01
CA LEU A 10 1.37 -2.96 -7.81
C LEU A 10 2.33 -3.47 -6.72
N GLY A 11 3.31 -4.24 -7.10
CA GLY A 11 4.26 -4.79 -6.09
C GLY A 11 4.85 -3.67 -5.21
N PHE A 12 5.29 -2.58 -5.79
CA PHE A 12 5.88 -1.47 -4.97
C PHE A 12 4.82 -0.47 -4.50
N LEU A 13 3.81 -0.21 -5.28
CA LEU A 13 2.75 0.76 -4.85
C LEU A 13 2.02 0.19 -3.64
N GLY A 14 2.09 -1.11 -3.43
CA GLY A 14 1.40 -1.74 -2.27
C GLY A 14 2.13 -1.37 -0.98
N ALA A 15 3.44 -1.37 -1.02
CA ALA A 15 4.27 -1.05 0.18
C ALA A 15 3.88 0.33 0.74
N ALA A 16 3.48 1.22 -0.13
CA ALA A 16 3.12 2.60 0.29
C ALA A 16 1.94 2.60 1.27
N GLY A 17 0.87 1.93 0.94
CA GLY A 17 -0.31 1.93 1.86
C GLY A 17 0.00 1.20 3.17
N SER A 18 0.74 0.13 3.05
CA SER A 18 1.07 -0.73 4.23
C SER A 18 2.06 -0.06 5.18
N THR A 19 2.83 0.86 4.66
CA THR A 19 3.84 1.60 5.46
C THR A 19 3.18 2.84 6.08
N MET A 20 2.33 3.49 5.34
CA MET A 20 1.65 4.72 5.83
C MET A 20 0.51 4.33 6.78
N GLY A 21 0.48 3.10 7.21
CA GLY A 21 -0.61 2.66 8.13
C GLY A 21 -0.54 3.46 9.44
N ALA A 22 0.64 3.83 9.86
CA ALA A 22 0.77 4.62 11.11
C ALA A 22 0.24 6.04 10.89
N ALA A 23 -0.16 6.35 9.70
CA ALA A 23 -0.68 7.72 9.41
C ALA A 23 -2.05 7.89 10.07
N SER A 24 -2.46 6.94 10.87
CA SER A 24 -3.78 7.03 11.55
C SER A 24 -3.65 7.95 12.78
N MET A 25 -3.01 9.07 12.62
CA MET A 25 -2.85 10.02 13.77
C MET A 25 -2.29 9.28 14.98
N THR A 26 -0.99 9.13 15.05
CA THR A 26 -0.38 8.42 16.21
C THR A 26 -0.63 9.21 17.50
N LEU A 27 -0.94 8.54 18.57
CA LEU A 27 -1.20 9.28 19.85
C LEU A 27 0.06 10.06 20.23
N THR A 28 0.17 11.29 19.80
CA THR A 28 1.37 12.10 20.14
C THR A 28 1.40 12.36 21.65
N VAL A 29 2.33 11.78 22.34
CA VAL A 29 2.42 11.98 23.81
C VAL A 29 2.69 13.47 24.10
N GLN A 30 3.11 13.78 25.29
CA GLN A 30 3.39 15.20 25.63
C GLN A 30 4.47 15.75 24.69
N ALA A 31 4.70 17.02 24.71
CA ALA A 31 5.73 17.62 23.81
C ALA A 31 7.09 16.99 24.12
N ALA A 2 0.81 -7.37 -22.72
CA ALA A 2 2.01 -8.24 -22.61
C ALA A 2 2.14 -8.73 -21.17
N VAL A 3 1.80 -9.96 -20.91
CA VAL A 3 1.90 -10.51 -19.53
C VAL A 3 1.17 -9.57 -18.56
N GLY A 4 1.88 -8.66 -17.96
CA GLY A 4 1.24 -7.70 -17.02
C GLY A 4 2.27 -6.86 -16.27
N ILE A 5 2.70 -5.76 -16.83
CA ILE A 5 3.69 -4.89 -16.13
C ILE A 5 2.99 -4.28 -14.90
N GLY A 6 1.70 -4.19 -14.97
CA GLY A 6 0.92 -3.63 -13.80
C GLY A 6 1.37 -4.35 -12.53
N ALA A 7 1.79 -5.58 -12.68
CA ALA A 7 2.24 -6.42 -11.52
C ALA A 7 3.45 -5.79 -10.84
N LEU A 8 4.28 -5.11 -11.58
CA LEU A 8 5.50 -4.48 -10.99
C LEU A 8 5.11 -3.20 -10.24
N PHE A 9 4.26 -2.36 -10.80
CA PHE A 9 3.85 -1.16 -10.01
C PHE A 9 3.07 -1.65 -8.80
N LEU A 10 2.12 -2.54 -8.94
CA LEU A 10 1.35 -3.00 -7.74
C LEU A 10 2.32 -3.51 -6.66
N GLY A 11 3.30 -4.28 -7.05
CA GLY A 11 4.27 -4.81 -6.06
C GLY A 11 4.85 -3.69 -5.20
N PHE A 12 5.26 -2.59 -5.79
CA PHE A 12 5.86 -1.46 -4.99
C PHE A 12 4.80 -0.46 -4.52
N LEU A 13 3.78 -0.20 -5.31
CA LEU A 13 2.73 0.78 -4.87
C LEU A 13 1.99 0.19 -3.65
N GLY A 14 2.09 -1.10 -3.45
CA GLY A 14 1.39 -1.73 -2.29
C GLY A 14 2.13 -1.37 -1.00
N ALA A 15 3.43 -1.35 -1.04
CA ALA A 15 4.27 -1.03 0.15
C ALA A 15 3.88 0.34 0.71
N ALA A 16 3.46 1.23 -0.15
CA ALA A 16 3.10 2.61 0.28
C ALA A 16 1.92 2.61 1.26
N GLY A 17 0.84 1.95 0.93
CA GLY A 17 -0.33 1.93 1.84
C GLY A 17 0.00 1.20 3.15
N SER A 18 0.72 0.12 3.02
CA SER A 18 1.07 -0.75 4.18
C SER A 18 2.07 -0.08 5.12
N THR A 19 2.83 0.84 4.59
CA THR A 19 3.85 1.58 5.39
C THR A 19 3.20 2.82 6.03
N MET A 20 2.34 3.47 5.30
CA MET A 20 1.67 4.70 5.82
C MET A 20 0.53 4.31 6.78
N GLY A 21 0.46 3.07 7.14
CA GLY A 21 -0.62 2.62 8.06
C GLY A 21 -0.41 3.25 9.44
N ALA A 22 0.80 3.67 9.73
CA ALA A 22 1.07 4.30 11.06
C ALA A 22 0.41 5.68 11.12
N ALA A 23 -0.07 6.17 10.01
CA ALA A 23 -0.72 7.51 10.00
C ALA A 23 -2.07 7.44 10.72
N SER A 24 -2.42 6.27 11.19
CA SER A 24 -3.72 6.12 11.91
C SER A 24 -3.56 6.59 13.36
N MET A 25 -2.83 7.66 13.56
CA MET A 25 -2.63 8.19 14.94
C MET A 25 -2.14 7.07 15.87
N THR A 26 -1.40 6.13 15.33
CA THR A 26 -0.88 5.02 16.19
C THR A 26 0.18 5.55 17.15
N LEU A 27 0.95 6.52 16.73
CA LEU A 27 2.00 7.08 17.61
C LEU A 27 1.35 7.82 18.79
N THR A 28 0.04 7.87 18.82
CA THR A 28 -0.65 8.57 19.94
C THR A 28 -0.31 7.87 21.25
N VAL A 29 0.12 6.64 21.20
CA VAL A 29 0.47 5.91 22.44
C VAL A 29 1.59 6.65 23.18
N GLN A 30 2.23 6.02 24.11
CA GLN A 30 3.33 6.70 24.86
C GLN A 30 4.47 7.04 23.90
N ALA A 31 5.45 7.77 24.35
CA ALA A 31 6.59 8.14 23.47
C ALA A 31 6.06 8.79 22.18
N ALA A 2 -3.36 -8.92 -20.27
CA ALA A 2 -4.07 -7.88 -19.46
C ALA A 2 -3.11 -6.73 -19.18
N VAL A 3 -3.33 -5.59 -19.78
CA VAL A 3 -2.43 -4.42 -19.55
C VAL A 3 -0.98 -4.85 -19.79
N GLY A 4 -0.27 -5.21 -18.77
CA GLY A 4 1.13 -5.67 -18.94
C GLY A 4 1.84 -5.87 -17.60
N ILE A 5 2.94 -5.19 -17.42
CA ILE A 5 3.74 -5.30 -16.16
C ILE A 5 3.00 -4.66 -14.99
N GLY A 6 1.71 -4.48 -15.12
CA GLY A 6 0.90 -3.86 -14.01
C GLY A 6 1.31 -4.51 -12.69
N ALA A 7 1.78 -5.72 -12.79
CA ALA A 7 2.23 -6.49 -11.58
C ALA A 7 3.42 -5.80 -10.90
N LEU A 8 4.22 -5.10 -11.66
CA LEU A 8 5.41 -4.41 -11.08
C LEU A 8 5.00 -3.14 -10.33
N PHE A 9 4.14 -2.32 -10.91
CA PHE A 9 3.71 -1.11 -10.14
C PHE A 9 2.96 -1.61 -8.90
N LEU A 10 2.05 -2.55 -9.04
CA LEU A 10 1.29 -3.01 -7.84
C LEU A 10 2.25 -3.50 -6.75
N GLY A 11 3.24 -4.26 -7.12
CA GLY A 11 4.20 -4.80 -6.10
C GLY A 11 4.79 -3.68 -5.24
N PHE A 12 5.27 -2.60 -5.81
CA PHE A 12 5.88 -1.50 -4.97
C PHE A 12 4.86 -0.48 -4.48
N LEU A 13 3.87 -0.15 -5.26
CA LEU A 13 2.87 0.86 -4.81
C LEU A 13 2.08 0.28 -3.62
N GLY A 14 2.23 -1.00 -3.35
CA GLY A 14 1.50 -1.63 -2.21
C GLY A 14 2.21 -1.29 -0.90
N ALA A 15 3.51 -1.34 -0.89
CA ALA A 15 4.30 -1.05 0.36
C ALA A 15 3.91 0.33 0.89
N ALA A 16 3.57 1.23 0.02
CA ALA A 16 3.21 2.62 0.42
C ALA A 16 1.98 2.61 1.33
N GLY A 17 0.95 1.91 0.98
CA GLY A 17 -0.27 1.90 1.84
C GLY A 17 0.00 1.19 3.17
N SER A 18 0.75 0.12 3.09
CA SER A 18 1.07 -0.72 4.28
C SER A 18 2.02 -0.03 5.26
N THR A 19 2.80 0.90 4.76
CA THR A 19 3.79 1.65 5.61
C THR A 19 3.10 2.88 6.20
N MET A 20 2.28 3.53 5.43
CA MET A 20 1.57 4.75 5.89
C MET A 20 0.40 4.36 6.79
N GLY A 21 0.27 3.10 7.10
CA GLY A 21 -0.85 2.64 7.98
C GLY A 21 -0.49 2.91 9.44
N ALA A 22 0.70 3.42 9.69
CA ALA A 22 1.11 3.70 11.10
C ALA A 22 0.33 4.91 11.62
N ALA A 23 0.09 5.89 10.79
CA ALA A 23 -0.66 7.08 11.24
C ALA A 23 -2.14 6.71 11.45
N SER A 24 -2.45 5.45 11.37
CA SER A 24 -3.86 4.99 11.55
C SER A 24 -4.18 4.94 13.05
N MET A 25 -3.76 5.93 13.79
CA MET A 25 -4.04 5.95 15.26
C MET A 25 -3.58 4.63 15.89
N THR A 26 -2.37 4.59 16.39
CA THR A 26 -1.87 3.34 17.01
C THR A 26 -2.62 3.09 18.32
N LEU A 27 -2.99 1.86 18.58
CA LEU A 27 -3.73 1.55 19.83
C LEU A 27 -2.76 1.66 21.02
N THR A 28 -1.58 2.15 20.79
CA THR A 28 -0.58 2.30 21.90
C THR A 28 -0.41 0.95 22.62
N VAL A 29 -0.15 0.98 23.89
CA VAL A 29 0.02 -0.29 24.65
C VAL A 29 -1.24 -1.15 24.52
N GLN A 30 -1.09 -2.41 24.24
CA GLN A 30 -2.28 -3.29 24.08
C GLN A 30 -2.98 -3.42 25.44
N ALA A 31 -4.19 -3.90 25.45
CA ALA A 31 -4.93 -4.05 26.73
C ALA A 31 -4.25 -5.13 27.58
N ALA A 2 2.52 -13.05 -18.26
CA ALA A 2 3.48 -12.10 -18.90
C ALA A 2 2.73 -10.83 -19.32
N VAL A 3 3.44 -9.88 -19.85
CA VAL A 3 2.81 -8.59 -20.30
C VAL A 3 2.11 -7.93 -19.11
N GLY A 4 2.16 -8.52 -17.94
CA GLY A 4 1.50 -7.90 -16.75
C GLY A 4 2.45 -6.95 -16.02
N ILE A 5 2.81 -5.84 -16.63
CA ILE A 5 3.70 -4.87 -15.96
C ILE A 5 2.97 -4.26 -14.77
N GLY A 6 1.66 -4.20 -14.86
CA GLY A 6 0.86 -3.65 -13.73
C GLY A 6 1.29 -4.33 -12.43
N ALA A 7 1.73 -5.56 -12.55
CA ALA A 7 2.20 -6.36 -11.38
C ALA A 7 3.42 -5.70 -10.74
N LEU A 8 4.22 -5.02 -11.51
CA LEU A 8 5.45 -4.36 -10.98
C LEU A 8 5.06 -3.08 -10.21
N PHE A 9 4.22 -2.24 -10.78
CA PHE A 9 3.81 -1.04 -9.99
C PHE A 9 3.04 -1.55 -8.76
N LEU A 10 2.12 -2.47 -8.91
CA LEU A 10 1.36 -2.95 -7.72
C LEU A 10 2.33 -3.49 -6.67
N GLY A 11 3.29 -4.27 -7.07
CA GLY A 11 4.27 -4.84 -6.09
C GLY A 11 4.88 -3.73 -5.22
N PHE A 12 5.32 -2.64 -5.81
CA PHE A 12 5.93 -1.53 -5.01
C PHE A 12 4.87 -0.52 -4.55
N LEU A 13 3.88 -0.27 -5.34
CA LEU A 13 2.83 0.71 -4.94
C LEU A 13 2.07 0.15 -3.73
N GLY A 14 2.15 -1.13 -3.51
CA GLY A 14 1.43 -1.75 -2.36
C GLY A 14 2.16 -1.39 -1.06
N ALA A 15 3.46 -1.39 -1.09
CA ALA A 15 4.28 -1.06 0.12
C ALA A 15 3.88 0.31 0.66
N ALA A 16 3.48 1.19 -0.20
CA ALA A 16 3.12 2.58 0.22
C ALA A 16 1.93 2.58 1.19
N GLY A 17 0.85 1.91 0.86
CA GLY A 17 -0.32 1.90 1.77
C GLY A 17 -0.02 1.17 3.08
N SER A 18 0.71 0.09 2.96
CA SER A 18 1.05 -0.77 4.13
C SER A 18 2.04 -0.10 5.08
N THR A 19 2.80 0.83 4.56
CA THR A 19 3.82 1.56 5.37
C THR A 19 3.17 2.80 6.00
N MET A 20 2.32 3.46 5.26
CA MET A 20 1.63 4.69 5.76
C MET A 20 0.49 4.31 6.71
N GLY A 21 0.22 3.04 6.84
CA GLY A 21 -0.88 2.59 7.74
C GLY A 21 -0.46 2.78 9.20
N ALA A 22 0.68 3.39 9.43
CA ALA A 22 1.16 3.60 10.83
C ALA A 22 0.30 4.69 11.50
N ALA A 23 -0.12 5.66 10.74
CA ALA A 23 -0.95 6.76 11.33
C ALA A 23 -2.35 6.22 11.67
N SER A 24 -2.53 4.93 11.56
CA SER A 24 -3.86 4.33 11.87
C SER A 24 -4.01 4.19 13.39
N MET A 25 -3.58 5.17 14.13
CA MET A 25 -3.70 5.10 15.62
C MET A 25 -3.13 3.78 16.13
N THR A 26 -3.56 3.33 17.28
CA THR A 26 -3.05 2.05 17.84
C THR A 26 -3.53 0.89 16.96
N LEU A 27 -2.82 0.59 15.91
CA LEU A 27 -3.24 -0.53 15.02
C LEU A 27 -4.67 -0.29 14.52
N THR A 28 -5.13 -1.08 13.60
CA THR A 28 -6.51 -0.90 13.07
C THR A 28 -7.52 -1.29 14.15
N VAL A 29 -8.77 -0.96 13.96
CA VAL A 29 -9.81 -1.32 14.97
C VAL A 29 -9.99 -2.84 14.99
N GLN A 30 -9.22 -3.51 15.82
CA GLN A 30 -9.36 -5.00 15.89
C GLN A 30 -10.77 -5.36 16.36
N ALA A 31 -11.72 -5.39 15.47
CA ALA A 31 -13.11 -5.74 15.85
C ALA A 31 -13.15 -7.20 16.32
N ALA A 2 2.48 -11.53 -13.87
CA ALA A 2 2.92 -11.68 -15.28
C ALA A 2 1.77 -11.32 -16.23
N VAL A 3 1.95 -11.51 -17.51
CA VAL A 3 0.86 -11.19 -18.48
C VAL A 3 0.47 -9.71 -18.30
N GLY A 4 1.31 -8.96 -17.65
CA GLY A 4 1.03 -7.51 -17.45
C GLY A 4 2.08 -6.86 -16.55
N ILE A 5 2.67 -5.80 -17.01
CA ILE A 5 3.69 -5.08 -16.21
C ILE A 5 2.99 -4.45 -15.00
N GLY A 6 1.70 -4.30 -15.08
CA GLY A 6 0.92 -3.69 -13.93
C GLY A 6 1.35 -4.38 -12.63
N ALA A 7 1.81 -5.60 -12.75
CA ALA A 7 2.25 -6.40 -11.57
C ALA A 7 3.44 -5.75 -10.86
N LEU A 8 4.29 -5.08 -11.59
CA LEU A 8 5.49 -4.43 -10.97
C LEU A 8 5.09 -3.14 -10.25
N PHE A 9 4.28 -2.31 -10.84
CA PHE A 9 3.87 -1.08 -10.08
C PHE A 9 3.07 -1.56 -8.86
N LEU A 10 2.16 -2.49 -9.01
CA LEU A 10 1.36 -2.93 -7.82
C LEU A 10 2.30 -3.44 -6.72
N GLY A 11 3.29 -4.22 -7.08
CA GLY A 11 4.22 -4.77 -6.07
C GLY A 11 4.80 -3.65 -5.20
N PHE A 12 5.26 -2.57 -5.77
CA PHE A 12 5.84 -1.46 -4.95
C PHE A 12 4.76 -0.47 -4.49
N LEU A 13 3.75 -0.25 -5.28
CA LEU A 13 2.67 0.69 -4.86
C LEU A 13 1.98 0.14 -3.62
N GLY A 14 2.08 -1.16 -3.40
CA GLY A 14 1.41 -1.78 -2.23
C GLY A 14 2.16 -1.41 -0.94
N ALA A 15 3.46 -1.39 -0.97
CA ALA A 15 4.28 -1.07 0.23
C ALA A 15 3.90 0.31 0.78
N ALA A 16 3.51 1.20 -0.08
CA ALA A 16 3.15 2.58 0.32
C ALA A 16 1.96 2.59 1.28
N GLY A 17 0.90 1.91 0.94
CA GLY A 17 -0.29 1.91 1.85
C GLY A 17 0.01 1.20 3.16
N SER A 18 0.75 0.13 3.06
CA SER A 18 1.08 -0.72 4.24
C SER A 18 2.07 -0.03 5.20
N THR A 19 2.83 0.89 4.67
CA THR A 19 3.84 1.64 5.50
C THR A 19 3.17 2.88 6.11
N MET A 20 2.32 3.53 5.36
CA MET A 20 1.63 4.76 5.84
C MET A 20 0.49 4.37 6.79
N GLY A 21 0.57 3.22 7.39
CA GLY A 21 -0.51 2.78 8.32
C GLY A 21 -0.49 3.66 9.58
N ALA A 22 0.65 3.81 10.19
CA ALA A 22 0.73 4.65 11.43
C ALA A 22 0.57 6.12 11.05
N ALA A 23 1.12 6.52 9.94
CA ALA A 23 1.00 7.95 9.52
C ALA A 23 -0.42 8.24 9.04
N SER A 24 -1.36 7.40 9.39
CA SER A 24 -2.77 7.61 8.95
C SER A 24 -3.43 8.68 9.84
N MET A 25 -2.67 9.67 10.25
CA MET A 25 -3.24 10.75 11.10
C MET A 25 -3.95 10.14 12.32
N THR A 26 -3.24 9.90 13.38
CA THR A 26 -3.89 9.30 14.59
C THR A 26 -4.84 10.33 15.21
N LEU A 27 -6.12 10.09 15.15
CA LEU A 27 -7.10 11.06 15.73
C LEU A 27 -8.49 10.41 15.73
N THR A 28 -8.89 9.85 14.63
CA THR A 28 -10.24 9.21 14.56
C THR A 28 -10.35 8.14 15.64
N VAL A 29 -11.49 8.05 16.30
CA VAL A 29 -11.65 7.02 17.36
C VAL A 29 -11.63 5.63 16.74
N GLN A 30 -10.46 5.08 16.54
CA GLN A 30 -10.36 3.71 15.94
C GLN A 30 -11.15 3.66 14.63
N ALA A 31 -11.53 2.49 14.20
CA ALA A 31 -12.30 2.38 12.92
C ALA A 31 -13.68 3.02 13.10
N ALA A 2 -5.32 -5.51 -19.00
CA ALA A 2 -4.70 -6.41 -20.00
C ALA A 2 -3.67 -7.31 -19.31
N VAL A 3 -3.42 -7.05 -18.05
CA VAL A 3 -2.44 -7.86 -17.28
C VAL A 3 -1.05 -7.80 -17.92
N GLY A 4 -0.07 -7.42 -17.15
CA GLY A 4 1.32 -7.36 -17.67
C GLY A 4 2.28 -6.74 -16.65
N ILE A 5 2.90 -5.65 -17.02
CA ILE A 5 3.86 -4.97 -16.09
C ILE A 5 3.07 -4.37 -14.93
N GLY A 6 1.77 -4.28 -15.08
CA GLY A 6 0.92 -3.72 -13.97
C GLY A 6 1.33 -4.39 -12.66
N ALA A 7 1.83 -5.59 -12.76
CA ALA A 7 2.27 -6.38 -11.59
C ALA A 7 3.45 -5.70 -10.87
N LEU A 8 4.25 -4.98 -11.61
CA LEU A 8 5.44 -4.30 -11.01
C LEU A 8 5.02 -3.04 -10.24
N PHE A 9 4.18 -2.21 -10.82
CA PHE A 9 3.74 -1.01 -10.03
C PHE A 9 2.95 -1.55 -8.82
N LEU A 10 2.06 -2.49 -9.00
CA LEU A 10 1.27 -3.00 -7.85
C LEU A 10 2.21 -3.54 -6.75
N GLY A 11 3.20 -4.30 -7.14
CA GLY A 11 4.14 -4.88 -6.14
C GLY A 11 4.71 -3.79 -5.22
N PHE A 12 5.18 -2.69 -5.75
CA PHE A 12 5.75 -1.61 -4.88
C PHE A 12 4.67 -0.64 -4.39
N LEU A 13 3.67 -0.40 -5.19
CA LEU A 13 2.58 0.53 -4.75
C LEU A 13 1.92 -0.06 -3.49
N GLY A 14 2.06 -1.34 -3.30
CA GLY A 14 1.45 -2.01 -2.11
C GLY A 14 2.34 -1.83 -0.88
N ALA A 15 3.47 -1.18 -1.06
CA ALA A 15 4.40 -0.92 0.09
C ALA A 15 4.01 0.41 0.73
N ALA A 16 3.67 1.36 -0.10
CA ALA A 16 3.31 2.73 0.37
C ALA A 16 2.07 2.70 1.27
N GLY A 17 1.04 2.02 0.88
CA GLY A 17 -0.19 1.98 1.73
C GLY A 17 0.07 1.25 3.04
N SER A 18 0.83 0.18 2.95
CA SER A 18 1.14 -0.68 4.13
C SER A 18 2.07 0.00 5.13
N THR A 19 2.84 0.95 4.66
CA THR A 19 3.81 1.70 5.53
C THR A 19 3.10 2.91 6.15
N MET A 20 2.27 3.57 5.38
CA MET A 20 1.55 4.78 5.87
C MET A 20 0.38 4.36 6.77
N GLY A 21 0.26 3.08 7.06
CA GLY A 21 -0.85 2.60 7.93
C GLY A 21 -0.49 2.83 9.39
N ALA A 22 0.76 3.13 9.67
CA ALA A 22 1.17 3.36 11.08
C ALA A 22 0.60 4.69 11.57
N ALA A 23 0.46 5.65 10.70
CA ALA A 23 -0.10 6.98 11.11
C ALA A 23 -1.57 6.83 11.44
N SER A 24 -2.08 5.62 11.43
CA SER A 24 -3.52 5.40 11.75
C SER A 24 -3.72 5.42 13.26
N MET A 25 -3.70 6.58 13.86
CA MET A 25 -3.89 6.68 15.34
C MET A 25 -2.90 5.75 16.06
N THR A 26 -1.82 6.29 16.55
CA THR A 26 -0.82 5.44 17.26
C THR A 26 0.13 6.34 18.06
N LEU A 27 0.17 7.61 17.73
CA LEU A 27 1.08 8.54 18.48
C LEU A 27 0.74 9.98 18.07
N THR A 28 0.73 10.28 16.80
CA THR A 28 0.41 11.65 16.36
C THR A 28 -1.01 12.01 16.79
N VAL A 29 -1.18 13.12 17.47
CA VAL A 29 -2.53 13.52 17.93
C VAL A 29 -3.46 13.66 16.70
N GLN A 30 -4.71 13.30 16.85
CA GLN A 30 -5.66 13.41 15.70
C GLN A 30 -5.93 14.88 15.41
N ALA A 31 -5.21 15.78 16.03
CA ALA A 31 -5.44 17.23 15.79
C ALA A 31 -4.98 17.59 14.37
N ALA A 2 -5.55 -7.58 -19.48
CA ALA A 2 -5.01 -8.72 -20.27
C ALA A 2 -3.52 -8.90 -19.94
N VAL A 3 -3.20 -9.08 -18.68
CA VAL A 3 -1.78 -9.27 -18.27
C VAL A 3 -0.95 -8.04 -18.65
N GLY A 4 0.03 -7.74 -17.86
CA GLY A 4 0.91 -6.58 -18.15
C GLY A 4 1.91 -6.36 -17.02
N ILE A 5 2.78 -5.40 -17.19
CA ILE A 5 3.79 -5.07 -16.14
C ILE A 5 3.08 -4.47 -14.94
N GLY A 6 1.78 -4.29 -15.05
CA GLY A 6 0.98 -3.71 -13.91
C GLY A 6 1.39 -4.42 -12.61
N ALA A 7 1.87 -5.62 -12.75
CA ALA A 7 2.32 -6.42 -11.58
C ALA A 7 3.49 -5.76 -10.88
N LEU A 8 4.30 -5.04 -11.61
CA LEU A 8 5.50 -4.36 -11.02
C LEU A 8 5.06 -3.11 -10.23
N PHE A 9 4.24 -2.27 -10.81
CA PHE A 9 3.80 -1.09 -10.00
C PHE A 9 3.00 -1.62 -8.81
N LEU A 10 2.09 -2.54 -9.01
CA LEU A 10 1.28 -3.04 -7.85
C LEU A 10 2.22 -3.57 -6.75
N GLY A 11 3.22 -4.31 -7.11
CA GLY A 11 4.15 -4.86 -6.09
C GLY A 11 4.69 -3.75 -5.18
N PHE A 12 5.14 -2.64 -5.73
CA PHE A 12 5.70 -1.54 -4.87
C PHE A 12 4.62 -0.56 -4.39
N LEU A 13 3.61 -0.30 -5.18
CA LEU A 13 2.55 0.65 -4.72
C LEU A 13 1.87 0.03 -3.48
N GLY A 14 1.99 -1.25 -3.31
CA GLY A 14 1.37 -1.93 -2.13
C GLY A 14 2.27 -1.78 -0.91
N ALA A 15 3.40 -1.14 -1.08
CA ALA A 15 4.35 -0.90 0.06
C ALA A 15 3.97 0.43 0.72
N ALA A 16 3.63 1.38 -0.10
CA ALA A 16 3.28 2.75 0.38
C ALA A 16 2.05 2.72 1.30
N GLY A 17 1.01 2.04 0.90
CA GLY A 17 -0.20 2.00 1.76
C GLY A 17 0.07 1.25 3.06
N SER A 18 0.82 0.18 2.95
CA SER A 18 1.13 -0.70 4.11
C SER A 18 2.09 -0.04 5.11
N THR A 19 2.86 0.91 4.63
CA THR A 19 3.84 1.63 5.50
C THR A 19 3.16 2.85 6.13
N MET A 20 2.33 3.51 5.38
CA MET A 20 1.62 4.73 5.88
C MET A 20 0.45 4.31 6.78
N GLY A 21 0.45 3.08 7.22
CA GLY A 21 -0.67 2.61 8.09
C GLY A 21 -0.50 3.21 9.49
N ALA A 22 0.72 3.41 9.92
CA ALA A 22 0.94 4.00 11.28
C ALA A 22 0.57 5.49 11.26
N ALA A 23 1.03 6.21 10.27
CA ALA A 23 0.70 7.66 10.19
C ALA A 23 -0.77 7.84 9.85
N SER A 24 -1.50 6.77 9.75
CA SER A 24 -2.95 6.87 9.42
C SER A 24 -3.74 7.26 10.67
N MET A 25 -3.43 8.40 11.24
CA MET A 25 -4.16 8.85 12.46
C MET A 25 -4.15 7.74 13.52
N THR A 26 -3.17 7.74 14.38
CA THR A 26 -3.10 6.68 15.44
C THR A 26 -4.39 6.70 16.27
N LEU A 27 -4.86 5.56 16.69
CA LEU A 27 -6.10 5.51 17.50
C LEU A 27 -5.83 6.11 18.88
N THR A 28 -4.90 5.56 19.61
CA THR A 28 -4.59 6.10 20.97
C THR A 28 -4.04 7.53 20.83
N VAL A 29 -3.93 8.23 21.92
CA VAL A 29 -3.40 9.63 21.85
C VAL A 29 -1.97 9.59 21.33
N GLN A 30 -1.52 10.66 20.72
CA GLN A 30 -0.13 10.69 20.19
C GLN A 30 0.86 10.43 21.34
N ALA A 31 0.38 10.38 22.55
CA ALA A 31 1.28 10.12 23.71
C ALA A 31 1.82 8.70 23.63
N ALA A 2 -0.25 -12.18 -19.03
CA ALA A 2 0.62 -11.88 -20.21
C ALA A 2 0.88 -10.37 -20.26
N VAL A 3 2.12 -9.98 -20.36
CA VAL A 3 2.46 -8.53 -20.43
C VAL A 3 1.83 -7.80 -19.24
N GLY A 4 1.80 -8.42 -18.09
CA GLY A 4 1.21 -7.78 -16.88
C GLY A 4 2.24 -6.91 -16.15
N ILE A 5 2.63 -5.83 -16.73
CA ILE A 5 3.61 -4.92 -16.07
C ILE A 5 2.94 -4.31 -14.84
N GLY A 6 1.64 -4.18 -14.89
CA GLY A 6 0.89 -3.61 -13.74
C GLY A 6 1.33 -4.34 -12.46
N ALA A 7 1.75 -5.56 -12.61
CA ALA A 7 2.20 -6.40 -11.47
C ALA A 7 3.45 -5.79 -10.79
N LEU A 8 4.27 -5.12 -11.56
CA LEU A 8 5.51 -4.51 -10.99
C LEU A 8 5.16 -3.23 -10.22
N PHE A 9 4.34 -2.37 -10.77
CA PHE A 9 3.97 -1.15 -9.97
C PHE A 9 3.19 -1.63 -8.75
N LEU A 10 2.24 -2.52 -8.89
CA LEU A 10 1.47 -2.97 -7.69
C LEU A 10 2.43 -3.46 -6.60
N GLY A 11 3.42 -4.22 -6.96
CA GLY A 11 4.38 -4.74 -5.93
C GLY A 11 4.92 -3.58 -5.08
N PHE A 12 5.31 -2.49 -5.68
CA PHE A 12 5.86 -1.33 -4.89
C PHE A 12 4.76 -0.35 -4.49
N LEU A 13 3.76 -0.15 -5.32
CA LEU A 13 2.67 0.79 -4.95
C LEU A 13 1.92 0.23 -3.73
N GLY A 14 1.95 -1.06 -3.55
CA GLY A 14 1.25 -1.68 -2.39
C GLY A 14 2.01 -1.35 -1.11
N ALA A 15 3.32 -1.37 -1.15
CA ALA A 15 4.16 -1.09 0.04
C ALA A 15 3.81 0.29 0.61
N ALA A 16 3.41 1.19 -0.24
CA ALA A 16 3.08 2.58 0.21
C ALA A 16 1.92 2.59 1.20
N GLY A 17 0.83 1.93 0.89
CA GLY A 17 -0.33 1.93 1.82
C GLY A 17 0.00 1.18 3.12
N SER A 18 0.71 0.10 2.97
CA SER A 18 1.05 -0.78 4.13
C SER A 18 2.07 -0.14 5.07
N THR A 19 2.84 0.78 4.54
CA THR A 19 3.89 1.48 5.36
C THR A 19 3.26 2.73 5.99
N MET A 20 2.40 3.40 5.27
CA MET A 20 1.75 4.63 5.78
C MET A 20 0.61 4.26 6.75
N GLY A 21 -0.05 3.17 6.49
CA GLY A 21 -1.17 2.75 7.38
C GLY A 21 -0.60 2.21 8.70
N ALA A 22 0.43 1.40 8.62
CA ALA A 22 1.02 0.85 9.87
C ALA A 22 1.77 1.95 10.62
N ALA A 23 1.79 3.14 10.08
CA ALA A 23 2.49 4.26 10.76
C ALA A 23 1.70 4.68 12.00
N SER A 24 0.65 3.96 12.31
CA SER A 24 -0.17 4.30 13.51
C SER A 24 0.52 3.79 14.77
N MET A 25 1.83 3.74 14.77
CA MET A 25 2.57 3.25 15.96
C MET A 25 2.04 1.87 16.38
N THR A 26 2.36 0.85 15.64
CA THR A 26 1.86 -0.52 16.00
C THR A 26 2.58 -1.00 17.27
N LEU A 27 1.85 -1.42 18.26
CA LEU A 27 2.48 -1.90 19.51
C LEU A 27 3.25 -3.19 19.22
N THR A 28 2.94 -3.85 18.14
CA THR A 28 3.65 -5.12 17.80
C THR A 28 3.23 -5.57 16.40
N VAL A 29 4.15 -6.12 15.65
CA VAL A 29 3.81 -6.58 14.28
C VAL A 29 2.89 -7.82 14.36
N GLN A 30 1.89 -7.87 13.52
CA GLN A 30 0.96 -9.04 13.55
C GLN A 30 1.61 -10.23 12.85
N ALA A 31 1.54 -11.39 13.45
CA ALA A 31 2.16 -12.59 12.81
C ALA A 31 1.74 -13.84 13.58
N ALA A 2 -0.89 -7.25 -21.74
CA ALA A 2 0.50 -7.50 -22.25
C ALA A 2 1.37 -8.01 -21.10
N VAL A 3 1.68 -9.28 -21.10
CA VAL A 3 2.51 -9.86 -20.01
C VAL A 3 1.90 -9.48 -18.65
N GLY A 4 2.42 -8.48 -18.01
CA GLY A 4 1.85 -8.04 -16.70
C GLY A 4 2.73 -6.99 -16.02
N ILE A 5 2.99 -5.89 -16.66
CA ILE A 5 3.82 -4.83 -16.04
C ILE A 5 3.05 -4.24 -14.85
N GLY A 6 1.75 -4.24 -14.95
CA GLY A 6 0.91 -3.72 -13.82
C GLY A 6 1.35 -4.42 -12.53
N ALA A 7 1.78 -5.64 -12.63
CA ALA A 7 2.23 -6.43 -11.46
C ALA A 7 3.44 -5.77 -10.79
N LEU A 8 4.24 -5.09 -11.56
CA LEU A 8 5.45 -4.41 -11.01
C LEU A 8 5.04 -3.12 -10.28
N PHE A 9 4.20 -2.30 -10.87
CA PHE A 9 3.77 -1.08 -10.12
C PHE A 9 2.99 -1.57 -8.88
N LEU A 10 2.05 -2.46 -9.01
CA LEU A 10 1.28 -2.90 -7.81
C LEU A 10 2.24 -3.45 -6.74
N GLY A 11 3.20 -4.23 -7.15
CA GLY A 11 4.15 -4.81 -6.14
C GLY A 11 4.77 -3.70 -5.29
N PHE A 12 5.21 -2.61 -5.87
CA PHE A 12 5.84 -1.52 -5.06
C PHE A 12 4.81 -0.51 -4.55
N LEU A 13 3.78 -0.23 -5.30
CA LEU A 13 2.76 0.76 -4.82
C LEU A 13 2.04 0.17 -3.59
N GLY A 14 2.11 -1.12 -3.40
CA GLY A 14 1.44 -1.76 -2.23
C GLY A 14 2.17 -1.38 -0.94
N ALA A 15 3.48 -1.37 -0.98
CA ALA A 15 4.31 -1.04 0.21
C ALA A 15 3.91 0.33 0.75
N ALA A 16 3.49 1.22 -0.12
CA ALA A 16 3.12 2.60 0.29
C ALA A 16 1.94 2.60 1.26
N GLY A 17 0.87 1.92 0.94
CA GLY A 17 -0.31 1.91 1.84
C GLY A 17 0.01 1.18 3.15
N SER A 18 0.74 0.10 3.03
CA SER A 18 1.09 -0.75 4.20
C SER A 18 2.08 -0.08 5.14
N THR A 19 2.83 0.85 4.61
CA THR A 19 3.86 1.59 5.41
C THR A 19 3.20 2.83 6.03
N MET A 20 2.35 3.48 5.28
CA MET A 20 1.66 4.71 5.79
C MET A 20 0.52 4.33 6.73
N GLY A 21 -0.13 3.22 6.47
CA GLY A 21 -1.26 2.80 7.35
C GLY A 21 -0.71 2.27 8.68
N ALA A 22 0.36 1.53 8.63
CA ALA A 22 0.93 0.99 9.90
C ALA A 22 1.58 2.12 10.70
N ALA A 23 2.02 3.15 10.02
CA ALA A 23 2.67 4.29 10.74
C ALA A 23 1.60 5.07 11.50
N SER A 24 0.36 4.66 11.41
CA SER A 24 -0.73 5.36 12.13
C SER A 24 -1.94 4.43 12.25
N MET A 25 -1.70 3.15 12.30
CA MET A 25 -2.82 2.16 12.41
C MET A 25 -3.88 2.45 11.34
N THR A 26 -4.94 1.67 11.31
CA THR A 26 -6.01 1.88 10.29
C THR A 26 -6.97 2.96 10.77
N LEU A 27 -7.04 4.08 10.08
CA LEU A 27 -7.97 5.16 10.50
C LEU A 27 -8.11 6.17 9.36
N THR A 28 -7.53 5.88 8.23
CA THR A 28 -7.64 6.83 7.08
C THR A 28 -9.08 6.86 6.57
N VAL A 29 -9.71 8.00 6.63
CA VAL A 29 -11.12 8.09 6.15
C VAL A 29 -11.17 7.88 4.64
N GLN A 30 -12.06 7.05 4.18
CA GLN A 30 -12.16 6.80 2.71
C GLN A 30 -12.45 8.11 1.98
N ALA A 31 -13.50 8.78 2.38
CA ALA A 31 -13.85 10.07 1.71
C ALA A 31 -14.97 10.77 2.49
N ALA A 2 5.07 -10.67 -18.52
CA ALA A 2 3.98 -11.67 -18.73
C ALA A 2 2.69 -11.13 -18.10
N VAL A 3 1.56 -11.44 -18.71
CA VAL A 3 0.24 -10.97 -18.20
C VAL A 3 0.16 -9.44 -18.27
N GLY A 4 1.09 -8.77 -17.66
CA GLY A 4 1.11 -7.28 -17.70
C GLY A 4 2.15 -6.72 -16.75
N ILE A 5 2.78 -5.65 -17.13
CA ILE A 5 3.81 -5.00 -16.27
C ILE A 5 3.10 -4.42 -15.05
N GLY A 6 1.81 -4.25 -15.15
CA GLY A 6 1.01 -3.67 -14.01
C GLY A 6 1.41 -4.40 -12.71
N ALA A 7 1.89 -5.60 -12.85
CA ALA A 7 2.32 -6.42 -11.68
C ALA A 7 3.49 -5.76 -10.93
N LEU A 8 4.33 -5.05 -11.64
CA LEU A 8 5.49 -4.37 -10.98
C LEU A 8 5.03 -3.12 -10.24
N PHE A 9 4.21 -2.30 -10.85
CA PHE A 9 3.73 -1.10 -10.09
C PHE A 9 2.94 -1.61 -8.88
N LEU A 10 2.04 -2.55 -9.05
CA LEU A 10 1.25 -3.04 -7.88
C LEU A 10 2.18 -3.56 -6.79
N GLY A 11 3.18 -4.32 -7.16
CA GLY A 11 4.11 -4.88 -6.13
C GLY A 11 4.67 -3.78 -5.23
N PHE A 12 5.12 -2.67 -5.77
CA PHE A 12 5.70 -1.59 -4.90
C PHE A 12 4.64 -0.61 -4.38
N LEU A 13 3.62 -0.33 -5.14
CA LEU A 13 2.57 0.61 -4.65
C LEU A 13 1.91 0.00 -3.40
N GLY A 14 2.03 -1.29 -3.22
CA GLY A 14 1.43 -1.97 -2.03
C GLY A 14 2.33 -1.79 -0.82
N ALA A 15 3.46 -1.14 -1.00
CA ALA A 15 4.39 -0.88 0.13
C ALA A 15 4.00 0.45 0.78
N ALA A 16 3.64 1.39 -0.05
CA ALA A 16 3.27 2.76 0.42
C ALA A 16 2.06 2.72 1.33
N GLY A 17 1.01 2.03 0.95
CA GLY A 17 -0.20 1.98 1.80
C GLY A 17 0.07 1.25 3.11
N SER A 18 0.84 0.19 3.00
CA SER A 18 1.16 -0.67 4.17
C SER A 18 2.11 0.01 5.16
N THR A 19 2.87 0.96 4.68
CA THR A 19 3.83 1.71 5.54
C THR A 19 3.13 2.92 6.16
N MET A 20 2.30 3.57 5.39
CA MET A 20 1.57 4.78 5.89
C MET A 20 0.40 4.35 6.78
N GLY A 21 0.52 3.22 7.42
CA GLY A 21 -0.59 2.73 8.30
C GLY A 21 -1.00 3.83 9.28
N ALA A 22 -0.05 4.59 9.78
CA ALA A 22 -0.40 5.67 10.73
C ALA A 22 -1.11 6.80 9.99
N ALA A 23 -0.41 7.51 9.14
CA ALA A 23 -1.04 8.61 8.37
C ALA A 23 -1.95 8.04 7.29
N SER A 24 -2.62 6.95 7.57
CA SER A 24 -3.52 6.34 6.56
C SER A 24 -4.83 7.12 6.49
N MET A 25 -5.51 7.23 7.60
CA MET A 25 -6.80 7.98 7.63
C MET A 25 -7.72 7.48 6.50
N THR A 26 -8.24 6.30 6.63
CA THR A 26 -9.14 5.76 5.56
C THR A 26 -10.32 6.71 5.34
N LEU A 27 -10.47 7.21 4.15
CA LEU A 27 -11.60 8.15 3.88
C LEU A 27 -12.92 7.36 3.90
N THR A 28 -13.05 6.36 3.07
CA THR A 28 -14.31 5.56 3.04
C THR A 28 -14.10 4.32 2.18
N VAL A 29 -15.13 3.84 1.54
CA VAL A 29 -14.99 2.64 0.68
C VAL A 29 -14.10 2.95 -0.51
N GLN A 30 -13.26 2.03 -0.90
CA GLN A 30 -12.35 2.29 -2.06
C GLN A 30 -13.19 2.38 -3.34
N ALA A 31 -14.03 1.41 -3.59
CA ALA A 31 -14.86 1.44 -4.82
C ALA A 31 -15.90 0.31 -4.77
N ALA A 2 5.77 -9.24 -20.85
CA ALA A 2 5.20 -10.50 -20.33
C ALA A 2 3.69 -10.34 -20.13
N VAL A 3 3.13 -9.31 -20.71
CA VAL A 3 1.66 -9.08 -20.58
C VAL A 3 1.27 -9.00 -19.10
N GLY A 4 1.90 -8.13 -18.37
CA GLY A 4 1.56 -7.98 -16.93
C GLY A 4 2.51 -7.02 -16.21
N ILE A 5 2.83 -5.91 -16.81
CA ILE A 5 3.73 -4.92 -16.15
C ILE A 5 2.99 -4.33 -14.95
N GLY A 6 1.68 -4.26 -15.04
CA GLY A 6 0.88 -3.71 -13.91
C GLY A 6 1.32 -4.40 -12.60
N ALA A 7 1.76 -5.62 -12.73
CA ALA A 7 2.20 -6.42 -11.56
C ALA A 7 3.42 -5.77 -10.88
N LEU A 8 4.23 -5.10 -11.64
CA LEU A 8 5.45 -4.44 -11.07
C LEU A 8 5.06 -3.16 -10.33
N PHE A 9 4.23 -2.32 -10.90
CA PHE A 9 3.82 -1.11 -10.14
C PHE A 9 3.05 -1.58 -8.89
N LEU A 10 2.12 -2.49 -9.03
CA LEU A 10 1.35 -2.95 -7.83
C LEU A 10 2.31 -3.47 -6.75
N GLY A 11 3.28 -4.24 -7.13
CA GLY A 11 4.23 -4.81 -6.12
C GLY A 11 4.83 -3.70 -5.24
N PHE A 12 5.26 -2.61 -5.82
CA PHE A 12 5.88 -1.51 -5.01
C PHE A 12 4.84 -0.51 -4.50
N LEU A 13 3.81 -0.22 -5.27
CA LEU A 13 2.78 0.75 -4.79
C LEU A 13 2.06 0.17 -3.57
N GLY A 14 2.15 -1.12 -3.38
CA GLY A 14 1.46 -1.75 -2.21
C GLY A 14 2.19 -1.39 -0.91
N ALA A 15 3.49 -1.36 -0.95
CA ALA A 15 4.30 -1.03 0.26
C ALA A 15 3.91 0.35 0.79
N ALA A 16 3.50 1.23 -0.07
CA ALA A 16 3.13 2.61 0.34
C ALA A 16 1.94 2.60 1.30
N GLY A 17 0.87 1.94 0.96
CA GLY A 17 -0.31 1.93 1.87
C GLY A 17 -0.01 1.20 3.18
N SER A 18 0.73 0.12 3.06
CA SER A 18 1.06 -0.73 4.24
C SER A 18 2.05 -0.05 5.19
N THR A 19 2.80 0.88 4.67
CA THR A 19 3.82 1.62 5.47
C THR A 19 3.15 2.86 6.09
N MET A 20 2.31 3.51 5.35
CA MET A 20 1.61 4.74 5.84
C MET A 20 0.46 4.36 6.77
N GLY A 21 0.12 3.10 6.82
CA GLY A 21 -0.99 2.66 7.70
C GLY A 21 -0.67 3.02 9.16
N ALA A 22 0.58 3.18 9.48
CA ALA A 22 0.97 3.52 10.88
C ALA A 22 0.56 4.97 11.18
N ALA A 23 0.22 5.72 10.17
CA ALA A 23 -0.19 7.14 10.40
C ALA A 23 -1.56 7.18 11.06
N SER A 24 -2.24 6.08 11.08
CA SER A 24 -3.60 6.03 11.71
C SER A 24 -3.96 4.58 12.03
N MET A 25 -3.00 3.71 12.03
CA MET A 25 -3.27 2.27 12.32
C MET A 25 -4.40 1.76 11.43
N THR A 26 -4.17 1.68 10.14
CA THR A 26 -5.24 1.19 9.23
C THR A 26 -5.45 -0.31 9.43
N LEU A 27 -6.67 -0.72 9.66
CA LEU A 27 -6.94 -2.17 9.86
C LEU A 27 -6.64 -2.93 8.57
N THR A 28 -7.33 -2.58 7.50
CA THR A 28 -7.09 -3.27 6.19
C THR A 28 -7.73 -2.45 5.08
N VAL A 29 -9.03 -2.41 5.01
CA VAL A 29 -9.71 -1.63 3.94
C VAL A 29 -9.44 -0.13 4.14
N GLN A 30 -9.71 0.66 3.16
CA GLN A 30 -9.47 2.14 3.30
C GLN A 30 -10.07 2.87 2.09
N ALA A 31 -10.40 4.12 2.25
CA ALA A 31 -10.98 4.89 1.12
C ALA A 31 -9.94 5.04 0.02
N ALA A 2 -1.60 -11.01 -13.85
CA ALA A 2 -2.63 -10.00 -14.19
C ALA A 2 -2.06 -9.00 -15.19
N VAL A 3 -2.67 -8.90 -16.35
CA VAL A 3 -2.15 -7.96 -17.39
C VAL A 3 -0.67 -8.27 -17.67
N GLY A 4 0.22 -7.69 -16.92
CA GLY A 4 1.67 -7.97 -17.13
C GLY A 4 2.54 -7.03 -16.29
N ILE A 5 2.93 -5.92 -16.86
CA ILE A 5 3.78 -4.94 -16.12
C ILE A 5 2.99 -4.35 -14.96
N GLY A 6 1.69 -4.32 -15.08
CA GLY A 6 0.84 -3.77 -13.97
C GLY A 6 1.28 -4.45 -12.66
N ALA A 7 1.75 -5.66 -12.77
CA ALA A 7 2.21 -6.44 -11.60
C ALA A 7 3.42 -5.79 -10.92
N LEU A 8 4.23 -5.10 -11.66
CA LEU A 8 5.44 -4.44 -11.09
C LEU A 8 5.03 -3.16 -10.33
N PHE A 9 4.20 -2.32 -10.90
CA PHE A 9 3.79 -1.11 -10.12
C PHE A 9 3.00 -1.62 -8.91
N LEU A 10 2.09 -2.54 -9.06
CA LEU A 10 1.31 -3.00 -7.87
C LEU A 10 2.27 -3.50 -6.78
N GLY A 11 3.25 -4.27 -7.15
CA GLY A 11 4.20 -4.81 -6.15
C GLY A 11 4.80 -3.70 -5.28
N PHE A 12 5.26 -2.61 -5.85
CA PHE A 12 5.88 -1.52 -5.01
C PHE A 12 4.84 -0.50 -4.51
N LEU A 13 3.85 -0.19 -5.29
CA LEU A 13 2.83 0.81 -4.82
C LEU A 13 2.08 0.22 -3.61
N GLY A 14 2.20 -1.06 -3.40
CA GLY A 14 1.50 -1.70 -2.25
C GLY A 14 2.21 -1.35 -0.94
N ALA A 15 3.51 -1.34 -0.94
CA ALA A 15 4.31 -1.02 0.27
C ALA A 15 3.91 0.35 0.82
N ALA A 16 3.54 1.25 -0.03
CA ALA A 16 3.17 2.63 0.39
C ALA A 16 1.97 2.62 1.34
N GLY A 17 0.90 1.96 0.99
CA GLY A 17 -0.30 1.94 1.87
C GLY A 17 0.00 1.21 3.19
N SER A 18 0.74 0.14 3.07
CA SER A 18 1.06 -0.72 4.25
C SER A 18 2.03 -0.04 5.22
N THR A 19 2.79 0.90 4.72
CA THR A 19 3.79 1.63 5.55
C THR A 19 3.12 2.86 6.18
N MET A 20 2.27 3.52 5.43
CA MET A 20 1.58 4.74 5.93
C MET A 20 0.44 4.34 6.87
N GLY A 21 0.07 3.08 6.87
CA GLY A 21 -1.03 2.61 7.77
C GLY A 21 -0.48 2.35 9.16
N ALA A 22 0.74 2.76 9.42
CA ALA A 22 1.34 2.52 10.77
C ALA A 22 0.68 3.44 11.79
N ALA A 23 0.25 4.60 11.38
CA ALA A 23 -0.41 5.54 12.33
C ALA A 23 -1.78 4.99 12.73
N SER A 24 -2.78 5.25 11.93
CA SER A 24 -4.15 4.74 12.24
C SER A 24 -4.97 4.76 10.95
N MET A 25 -4.31 4.93 9.84
CA MET A 25 -5.03 4.95 8.53
C MET A 25 -6.16 5.97 8.57
N THR A 26 -5.84 7.24 8.62
CA THR A 26 -6.90 8.27 8.66
C THR A 26 -6.27 9.66 8.50
N LEU A 27 -4.97 9.72 8.39
CA LEU A 27 -4.30 11.05 8.23
C LEU A 27 -4.81 11.72 6.96
N THR A 28 -4.84 11.01 5.87
CA THR A 28 -5.33 11.60 4.60
C THR A 28 -6.83 11.86 4.70
N VAL A 29 -7.23 12.76 5.55
CA VAL A 29 -8.68 13.06 5.70
C VAL A 29 -9.24 13.57 4.37
N GLN A 30 -8.40 13.75 3.38
CA GLN A 30 -8.88 14.23 2.06
C GLN A 30 -9.79 13.17 1.42
N ALA A 31 -10.88 13.58 0.85
CA ALA A 31 -11.80 12.60 0.22
C ALA A 31 -11.11 11.96 -0.99
N ALA A 2 -4.55 -11.64 -18.01
CA ALA A 2 -3.35 -12.14 -17.27
C ALA A 2 -2.08 -11.57 -17.90
N VAL A 3 -0.97 -11.71 -17.22
CA VAL A 3 0.33 -11.18 -17.77
C VAL A 3 0.24 -9.67 -17.96
N GLY A 4 1.13 -8.95 -17.35
CA GLY A 4 1.16 -7.47 -17.50
C GLY A 4 2.19 -6.85 -16.56
N ILE A 5 2.81 -5.79 -16.98
CA ILE A 5 3.81 -5.09 -16.12
C ILE A 5 3.06 -4.46 -14.94
N GLY A 6 1.77 -4.36 -15.05
CA GLY A 6 0.94 -3.77 -13.94
C GLY A 6 1.37 -4.45 -12.63
N ALA A 7 1.82 -5.66 -12.73
CA ALA A 7 2.26 -6.45 -11.55
C ALA A 7 3.45 -5.77 -10.87
N LEU A 8 4.26 -5.07 -11.63
CA LEU A 8 5.45 -4.38 -11.06
C LEU A 8 5.04 -3.11 -10.33
N PHE A 9 4.20 -2.29 -10.92
CA PHE A 9 3.76 -1.07 -10.17
C PHE A 9 2.98 -1.55 -8.93
N LEU A 10 2.06 -2.47 -9.06
CA LEU A 10 1.29 -2.92 -7.87
C LEU A 10 2.23 -3.45 -6.79
N GLY A 11 3.21 -4.23 -7.16
CA GLY A 11 4.15 -4.79 -6.15
C GLY A 11 4.75 -3.69 -5.28
N PHE A 12 5.20 -2.60 -5.85
CA PHE A 12 5.83 -1.51 -5.03
C PHE A 12 4.79 -0.50 -4.50
N LEU A 13 3.78 -0.21 -5.26
CA LEU A 13 2.76 0.78 -4.78
C LEU A 13 2.04 0.19 -3.56
N GLY A 14 2.14 -1.10 -3.36
CA GLY A 14 1.47 -1.74 -2.19
C GLY A 14 2.20 -1.38 -0.89
N ALA A 15 3.50 -1.37 -0.91
CA ALA A 15 4.31 -1.05 0.29
C ALA A 15 3.91 0.33 0.84
N ALA A 16 3.53 1.22 -0.03
CA ALA A 16 3.16 2.61 0.38
C ALA A 16 1.96 2.60 1.33
N GLY A 17 0.91 1.92 0.97
CA GLY A 17 -0.29 1.91 1.85
C GLY A 17 0.00 1.19 3.17
N SER A 18 0.75 0.12 3.07
CA SER A 18 1.09 -0.72 4.26
C SER A 18 2.06 -0.04 5.21
N THR A 19 2.82 0.89 4.70
CA THR A 19 3.82 1.64 5.52
C THR A 19 3.16 2.88 6.14
N MET A 20 2.32 3.52 5.38
CA MET A 20 1.62 4.75 5.87
C MET A 20 0.47 4.36 6.79
N GLY A 21 0.40 3.12 7.18
CA GLY A 21 -0.69 2.67 8.09
C GLY A 21 -0.41 3.17 9.51
N ALA A 22 0.83 3.40 9.84
CA ALA A 22 1.16 3.87 11.21
C ALA A 22 0.69 5.31 11.37
N ALA A 23 0.88 6.13 10.37
CA ALA A 23 0.44 7.55 10.47
C ALA A 23 -1.10 7.62 10.41
N SER A 24 -1.75 6.49 10.50
CA SER A 24 -3.25 6.47 10.46
C SER A 24 -3.76 5.17 11.07
N MET A 25 -3.18 4.75 12.16
CA MET A 25 -3.63 3.49 12.82
C MET A 25 -3.68 2.34 11.79
N THR A 26 -4.84 2.07 11.25
CA THR A 26 -4.95 0.97 10.24
C THR A 26 -6.29 1.10 9.51
N LEU A 27 -6.48 2.16 8.77
CA LEU A 27 -7.76 2.34 8.03
C LEU A 27 -7.79 1.40 6.82
N THR A 28 -8.69 1.63 5.89
CA THR A 28 -8.76 0.76 4.69
C THR A 28 -9.75 1.36 3.68
N VAL A 29 -9.47 1.22 2.42
CA VAL A 29 -10.40 1.78 1.39
C VAL A 29 -11.72 1.02 1.43
N GLN A 30 -12.57 1.25 0.46
CA GLN A 30 -13.88 0.54 0.44
C GLN A 30 -14.55 0.76 -0.91
N ALA A 31 -14.78 1.99 -1.28
CA ALA A 31 -15.44 2.27 -2.60
C ALA A 31 -14.51 1.83 -3.72
N ALA A 2 0.31 -10.09 -22.87
CA ALA A 2 -0.25 -8.84 -22.29
C ALA A 2 -0.38 -9.01 -20.77
N VAL A 3 -0.68 -7.95 -20.07
CA VAL A 3 -0.84 -8.02 -18.59
C VAL A 3 0.45 -8.56 -17.94
N GLY A 4 1.12 -7.73 -17.21
CA GLY A 4 2.37 -8.15 -16.52
C GLY A 4 3.05 -6.97 -15.84
N ILE A 5 3.19 -5.86 -16.51
CA ILE A 5 3.86 -4.68 -15.90
C ILE A 5 3.01 -4.14 -14.76
N GLY A 6 1.71 -4.24 -14.88
CA GLY A 6 0.82 -3.77 -13.77
C GLY A 6 1.26 -4.45 -12.47
N ALA A 7 1.72 -5.67 -12.58
CA ALA A 7 2.18 -6.46 -11.40
C ALA A 7 3.41 -5.80 -10.75
N LEU A 8 4.21 -5.12 -11.53
CA LEU A 8 5.43 -4.46 -10.99
C LEU A 8 5.05 -3.17 -10.27
N PHE A 9 4.23 -2.33 -10.87
CA PHE A 9 3.82 -1.10 -10.12
C PHE A 9 3.03 -1.56 -8.89
N LEU A 10 2.10 -2.47 -9.03
CA LEU A 10 1.30 -2.90 -7.83
C LEU A 10 2.26 -3.43 -6.74
N GLY A 11 3.23 -4.21 -7.13
CA GLY A 11 4.17 -4.78 -6.12
C GLY A 11 4.78 -3.66 -5.26
N PHE A 12 5.22 -2.58 -5.85
CA PHE A 12 5.83 -1.48 -5.05
C PHE A 12 4.80 -0.46 -4.55
N LEU A 13 3.77 -0.18 -5.32
CA LEU A 13 2.74 0.80 -4.86
C LEU A 13 2.00 0.20 -3.64
N GLY A 14 2.08 -1.07 -3.45
CA GLY A 14 1.40 -1.71 -2.29
C GLY A 14 2.14 -1.36 -1.00
N ALA A 15 3.44 -1.37 -1.04
CA ALA A 15 4.28 -1.06 0.16
C ALA A 15 3.89 0.32 0.70
N ALA A 16 3.49 1.21 -0.16
CA ALA A 16 3.13 2.59 0.25
C ALA A 16 1.95 2.59 1.23
N GLY A 17 0.88 1.92 0.91
CA GLY A 17 -0.29 1.91 1.82
C GLY A 17 0.02 1.17 3.13
N SER A 18 0.75 0.09 3.00
CA SER A 18 1.09 -0.77 4.17
C SER A 18 2.09 -0.11 5.12
N THR A 19 2.86 0.81 4.59
CA THR A 19 3.88 1.55 5.41
C THR A 19 3.22 2.79 6.02
N MET A 20 2.36 3.44 5.27
CA MET A 20 1.68 4.67 5.76
C MET A 20 0.53 4.29 6.71
N GLY A 21 -0.10 3.17 6.45
CA GLY A 21 -1.23 2.73 7.32
C GLY A 21 -0.69 2.23 8.66
N ALA A 22 0.59 2.37 8.88
CA ALA A 22 1.18 1.90 10.17
C ALA A 22 0.73 2.83 11.30
N ALA A 23 0.65 4.11 11.03
CA ALA A 23 0.21 5.07 12.08
C ALA A 23 -1.29 4.95 12.32
N SER A 24 -1.86 3.85 11.91
CA SER A 24 -3.34 3.65 12.11
C SER A 24 -3.67 2.16 12.03
N MET A 25 -2.99 1.37 12.81
CA MET A 25 -3.25 -0.10 12.79
C MET A 25 -3.08 -0.64 11.36
N THR A 26 -4.08 -1.27 10.80
CA THR A 26 -3.96 -1.80 9.42
C THR A 26 -5.31 -2.34 8.95
N LEU A 27 -6.29 -1.48 8.82
CA LEU A 27 -7.63 -1.95 8.36
C LEU A 27 -7.53 -2.44 6.92
N THR A 28 -8.39 -3.36 6.53
CA THR A 28 -8.34 -3.88 5.14
C THR A 28 -8.56 -2.72 4.16
N VAL A 29 -8.28 -2.94 2.90
CA VAL A 29 -8.47 -1.85 1.90
C VAL A 29 -9.96 -1.50 1.81
N GLN A 30 -10.28 -0.24 1.93
CA GLN A 30 -11.72 0.16 1.86
C GLN A 30 -12.25 -0.13 0.46
N ALA A 31 -11.99 0.75 -0.48
CA ALA A 31 -12.49 0.52 -1.87
C ALA A 31 -11.78 -0.71 -2.47
N ALA A 2 1.71 -10.82 -13.59
CA ALA A 2 1.24 -11.55 -14.80
C ALA A 2 0.20 -10.69 -15.54
N VAL A 3 -0.29 -11.17 -16.66
CA VAL A 3 -1.30 -10.41 -17.46
C VAL A 3 -0.71 -9.08 -17.96
N GLY A 4 0.30 -8.57 -17.33
CA GLY A 4 0.94 -7.31 -17.79
C GLY A 4 1.98 -6.83 -16.79
N ILE A 5 2.69 -5.80 -17.15
CA ILE A 5 3.73 -5.21 -16.26
C ILE A 5 3.04 -4.57 -15.05
N GLY A 6 1.74 -4.39 -15.15
CA GLY A 6 0.96 -3.77 -14.02
C GLY A 6 1.38 -4.45 -12.70
N ALA A 7 1.84 -5.66 -12.81
CA ALA A 7 2.28 -6.45 -11.62
C ALA A 7 3.45 -5.77 -10.91
N LEU A 8 4.29 -5.08 -11.65
CA LEU A 8 5.48 -4.41 -11.03
C LEU A 8 5.05 -3.13 -10.31
N PHE A 9 4.22 -2.31 -10.92
CA PHE A 9 3.79 -1.08 -10.17
C PHE A 9 3.01 -1.56 -8.94
N LEU A 10 2.09 -2.49 -9.08
CA LEU A 10 1.30 -2.93 -7.90
C LEU A 10 2.24 -3.44 -6.79
N GLY A 11 3.23 -4.22 -7.16
CA GLY A 11 4.16 -4.77 -6.14
C GLY A 11 4.76 -3.67 -5.26
N PHE A 12 5.22 -2.58 -5.83
CA PHE A 12 5.83 -1.49 -5.00
C PHE A 12 4.80 -0.48 -4.49
N LEU A 13 3.78 -0.18 -5.26
CA LEU A 13 2.76 0.81 -4.79
C LEU A 13 2.03 0.22 -3.56
N GLY A 14 2.16 -1.07 -3.36
CA GLY A 14 1.46 -1.71 -2.20
C GLY A 14 2.18 -1.35 -0.89
N ALA A 15 3.49 -1.35 -0.90
CA ALA A 15 4.29 -1.04 0.32
C ALA A 15 3.90 0.33 0.86
N ALA A 16 3.54 1.23 -0.01
CA ALA A 16 3.18 2.62 0.41
C ALA A 16 1.98 2.61 1.35
N GLY A 17 0.93 1.93 1.00
CA GLY A 17 -0.28 1.91 1.88
C GLY A 17 0.02 1.19 3.21
N SER A 18 0.76 0.13 3.12
CA SER A 18 1.09 -0.71 4.31
C SER A 18 2.05 -0.03 5.28
N THR A 19 2.82 0.90 4.77
CA THR A 19 3.81 1.65 5.62
C THR A 19 3.13 2.88 6.21
N MET A 20 2.30 3.54 5.43
CA MET A 20 1.60 4.75 5.91
C MET A 20 0.43 4.37 6.84
N GLY A 21 0.42 3.16 7.30
CA GLY A 21 -0.68 2.71 8.21
C GLY A 21 -0.52 3.39 9.57
N ALA A 22 0.54 4.14 9.75
CA ALA A 22 0.76 4.83 11.06
C ALA A 22 -0.24 5.98 11.19
N ALA A 23 -0.67 6.55 10.09
CA ALA A 23 -1.65 7.67 10.16
C ALA A 23 -3.01 7.13 10.60
N SER A 24 -3.07 5.87 10.94
CA SER A 24 -4.36 5.28 11.38
C SER A 24 -4.62 5.65 12.85
N MET A 25 -4.46 6.90 13.19
CA MET A 25 -4.69 7.34 14.59
C MET A 25 -3.90 6.45 15.56
N THR A 26 -4.01 6.70 16.84
CA THR A 26 -3.25 5.86 17.82
C THR A 26 -3.81 4.44 17.82
N LEU A 27 -4.79 4.17 18.66
CA LEU A 27 -5.38 2.81 18.71
C LEU A 27 -6.10 2.53 17.39
N THR A 28 -5.62 1.57 16.63
CA THR A 28 -6.29 1.25 15.34
C THR A 28 -7.67 0.64 15.62
N VAL A 29 -8.67 1.05 14.87
CA VAL A 29 -10.03 0.50 15.09
C VAL A 29 -10.05 -0.99 14.71
N GLN A 30 -10.99 -1.73 15.22
CA GLN A 30 -11.06 -3.18 14.88
C GLN A 30 -11.32 -3.35 13.39
N ALA A 31 -10.75 -4.36 12.79
CA ALA A 31 -10.96 -4.58 11.33
C ALA A 31 -12.43 -4.97 11.08
N ALA A 2 2.87 -11.14 -14.42
CA ALA A 2 2.68 -11.59 -15.82
C ALA A 2 1.35 -11.05 -16.36
N VAL A 3 1.05 -11.33 -17.61
CA VAL A 3 -0.22 -10.84 -18.22
C VAL A 3 -0.25 -9.30 -18.21
N GLY A 4 0.73 -8.68 -17.62
CA GLY A 4 0.78 -7.20 -17.59
C GLY A 4 1.88 -6.71 -16.64
N ILE A 5 2.57 -5.69 -17.02
CA ILE A 5 3.64 -5.11 -16.15
C ILE A 5 2.98 -4.48 -14.93
N GLY A 6 1.69 -4.30 -15.00
CA GLY A 6 0.93 -3.69 -13.85
C GLY A 6 1.35 -4.40 -12.56
N ALA A 7 1.79 -5.62 -12.69
CA ALA A 7 2.24 -6.43 -11.53
C ALA A 7 3.46 -5.80 -10.86
N LEU A 8 4.27 -5.11 -11.62
CA LEU A 8 5.49 -4.46 -11.05
C LEU A 8 5.12 -3.19 -10.29
N PHE A 9 4.29 -2.33 -10.84
CA PHE A 9 3.90 -1.13 -10.04
C PHE A 9 3.13 -1.62 -8.82
N LEU A 10 2.20 -2.52 -8.96
CA LEU A 10 1.42 -2.98 -7.78
C LEU A 10 2.37 -3.47 -6.68
N GLY A 11 3.36 -4.23 -7.03
CA GLY A 11 4.32 -4.75 -6.01
C GLY A 11 4.87 -3.61 -5.14
N PHE A 12 5.29 -2.52 -5.73
CA PHE A 12 5.86 -1.39 -4.91
C PHE A 12 4.77 -0.39 -4.47
N LEU A 13 3.78 -0.15 -5.29
CA LEU A 13 2.70 0.81 -4.90
C LEU A 13 1.96 0.24 -3.68
N GLY A 14 2.03 -1.05 -3.49
CA GLY A 14 1.33 -1.68 -2.33
C GLY A 14 2.07 -1.35 -1.03
N ALA A 15 3.38 -1.36 -1.06
CA ALA A 15 4.20 -1.07 0.15
C ALA A 15 3.84 0.30 0.71
N ALA A 16 3.47 1.21 -0.14
CA ALA A 16 3.13 2.60 0.30
C ALA A 16 1.95 2.61 1.27
N GLY A 17 0.88 1.94 0.94
CA GLY A 17 -0.31 1.94 1.84
C GLY A 17 0.00 1.20 3.15
N SER A 18 0.72 0.12 3.03
CA SER A 18 1.05 -0.74 4.20
C SER A 18 2.05 -0.09 5.16
N THR A 19 2.82 0.83 4.65
CA THR A 19 3.85 1.55 5.48
C THR A 19 3.20 2.79 6.11
N MET A 20 2.36 3.46 5.37
CA MET A 20 1.69 4.69 5.88
C MET A 20 0.55 4.31 6.84
N GLY A 21 0.17 3.06 6.84
CA GLY A 21 -0.94 2.63 7.75
C GLY A 21 -0.45 2.65 9.19
N ALA A 22 0.85 2.59 9.39
CA ALA A 22 1.40 2.61 10.78
C ALA A 22 1.25 4.00 11.38
N ALA A 23 1.70 5.01 10.68
CA ALA A 23 1.59 6.40 11.21
C ALA A 23 0.13 6.85 11.18
N SER A 24 -0.74 6.01 10.69
CA SER A 24 -2.19 6.37 10.63
C SER A 24 -2.83 6.18 12.01
N MET A 25 -2.11 6.52 13.05
CA MET A 25 -2.68 6.37 14.42
C MET A 25 -3.24 4.96 14.61
N THR A 26 -3.82 4.68 15.74
CA THR A 26 -4.40 3.32 15.99
C THR A 26 -5.60 3.11 15.07
N LEU A 27 -6.37 2.09 15.32
CA LEU A 27 -7.57 1.82 14.46
C LEU A 27 -8.60 2.93 14.68
N THR A 28 -8.60 3.94 13.84
CA THR A 28 -9.59 5.04 14.00
C THR A 28 -11.00 4.48 13.88
N VAL A 29 -11.37 4.04 12.70
CA VAL A 29 -12.75 3.48 12.50
C VAL A 29 -13.79 4.48 13.00
N GLN A 30 -14.13 5.44 12.20
CA GLN A 30 -15.15 6.45 12.62
C GLN A 30 -15.56 7.29 11.41
N ALA A 31 -16.36 6.75 10.54
CA ALA A 31 -16.80 7.52 9.34
C ALA A 31 -17.91 6.75 8.62
N ALA A 2 -2.24 -7.42 -19.25
CA ALA A 2 -1.29 -7.24 -20.40
C ALA A 2 0.13 -7.60 -19.94
N VAL A 3 0.68 -8.65 -20.48
CA VAL A 3 2.05 -9.08 -20.07
C VAL A 3 2.11 -9.20 -18.55
N GLY A 4 2.48 -8.15 -17.87
CA GLY A 4 2.54 -8.19 -16.38
C GLY A 4 3.18 -6.95 -15.78
N ILE A 5 3.25 -5.85 -16.49
CA ILE A 5 3.88 -4.63 -15.92
C ILE A 5 3.03 -4.09 -14.77
N GLY A 6 1.72 -4.22 -14.88
CA GLY A 6 0.83 -3.75 -13.77
C GLY A 6 1.28 -4.44 -12.48
N ALA A 7 1.72 -5.66 -12.59
CA ALA A 7 2.18 -6.45 -11.40
C ALA A 7 3.40 -5.79 -10.75
N LEU A 8 4.20 -5.12 -11.53
CA LEU A 8 5.43 -4.46 -10.99
C LEU A 8 5.05 -3.18 -10.25
N PHE A 9 4.22 -2.33 -10.83
CA PHE A 9 3.82 -1.12 -10.05
C PHE A 9 3.01 -1.61 -8.84
N LEU A 10 2.07 -2.51 -9.00
CA LEU A 10 1.28 -2.97 -7.81
C LEU A 10 2.24 -3.47 -6.72
N GLY A 11 3.21 -4.25 -7.10
CA GLY A 11 4.18 -4.80 -6.10
C GLY A 11 4.78 -3.67 -5.26
N PHE A 12 5.20 -2.58 -5.84
CA PHE A 12 5.82 -1.47 -5.05
C PHE A 12 4.77 -0.46 -4.56
N LEU A 13 3.76 -0.18 -5.34
CA LEU A 13 2.73 0.81 -4.90
C LEU A 13 1.99 0.22 -3.68
N GLY A 14 2.09 -1.06 -3.47
CA GLY A 14 1.39 -1.69 -2.31
C GLY A 14 2.14 -1.34 -1.02
N ALA A 15 3.44 -1.36 -1.07
CA ALA A 15 4.27 -1.05 0.13
C ALA A 15 3.89 0.32 0.68
N ALA A 16 3.48 1.21 -0.17
CA ALA A 16 3.12 2.60 0.24
C ALA A 16 1.95 2.59 1.22
N GLY A 17 0.88 1.91 0.91
CA GLY A 17 -0.29 1.90 1.83
C GLY A 17 0.03 1.17 3.13
N SER A 18 0.76 0.09 3.00
CA SER A 18 1.10 -0.78 4.17
C SER A 18 2.10 -0.11 5.11
N THR A 19 2.86 0.81 4.59
CA THR A 19 3.89 1.54 5.40
C THR A 19 3.23 2.79 6.01
N MET A 20 2.37 3.44 5.26
CA MET A 20 1.69 4.67 5.75
C MET A 20 0.54 4.29 6.69
N GLY A 21 -0.11 3.19 6.43
CA GLY A 21 -1.25 2.76 7.29
C GLY A 21 -0.72 2.26 8.65
N ALA A 22 0.50 1.82 8.69
CA ALA A 22 1.08 1.31 9.97
C ALA A 22 1.33 2.49 10.91
N ALA A 23 2.04 3.49 10.45
CA ALA A 23 2.32 4.67 11.33
C ALA A 23 1.04 5.49 11.53
N SER A 24 0.16 5.47 10.57
CA SER A 24 -1.11 6.25 10.68
C SER A 24 -2.10 5.46 11.55
N MET A 25 -1.69 5.02 12.70
CA MET A 25 -2.60 4.26 13.59
C MET A 25 -3.25 3.10 12.81
N THR A 26 -4.46 2.76 13.15
CA THR A 26 -5.14 1.64 12.43
C THR A 26 -5.23 1.96 10.94
N LEU A 27 -5.40 0.96 10.11
CA LEU A 27 -5.48 1.21 8.65
C LEU A 27 -6.79 1.94 8.34
N THR A 28 -6.71 3.05 7.66
CA THR A 28 -7.96 3.80 7.32
C THR A 28 -8.79 3.00 6.31
N VAL A 29 -9.51 2.02 6.79
CA VAL A 29 -10.34 1.20 5.85
C VAL A 29 -11.44 2.07 5.25
N GLN A 30 -11.55 3.30 5.68
CA GLN A 30 -12.60 4.20 5.12
C GLN A 30 -12.30 4.47 3.65
N ALA A 31 -13.32 4.66 2.86
CA ALA A 31 -13.09 4.93 1.40
C ALA A 31 -14.42 5.34 0.76
N ALA A 2 6.43 -10.87 -16.99
CA ALA A 2 6.27 -10.18 -18.29
C ALA A 2 4.78 -10.03 -18.62
N VAL A 3 4.46 -9.44 -19.75
CA VAL A 3 3.04 -9.24 -20.16
C VAL A 3 2.32 -8.33 -19.16
N GLY A 4 2.20 -8.73 -17.94
CA GLY A 4 1.50 -7.88 -16.92
C GLY A 4 2.49 -6.98 -16.18
N ILE A 5 2.88 -5.89 -16.77
CA ILE A 5 3.81 -4.96 -16.08
C ILE A 5 3.07 -4.33 -14.89
N GLY A 6 1.78 -4.27 -14.99
CA GLY A 6 0.96 -3.71 -13.85
C GLY A 6 1.39 -4.41 -12.55
N ALA A 7 1.80 -5.64 -12.68
CA ALA A 7 2.25 -6.44 -11.50
C ALA A 7 3.45 -5.78 -10.83
N LEU A 8 4.25 -5.09 -11.60
CA LEU A 8 5.46 -4.42 -11.05
C LEU A 8 5.05 -3.13 -10.31
N PHE A 9 4.21 -2.32 -10.91
CA PHE A 9 3.78 -1.10 -10.15
C PHE A 9 3.00 -1.57 -8.92
N LEU A 10 2.05 -2.47 -9.05
CA LEU A 10 1.28 -2.90 -7.85
C LEU A 10 2.23 -3.44 -6.77
N GLY A 11 3.20 -4.23 -7.17
CA GLY A 11 4.15 -4.80 -6.17
C GLY A 11 4.77 -3.70 -5.30
N PHE A 12 5.21 -2.61 -5.88
CA PHE A 12 5.83 -1.52 -5.07
C PHE A 12 4.80 -0.50 -4.55
N LEU A 13 3.77 -0.22 -5.30
CA LEU A 13 2.75 0.76 -4.83
C LEU A 13 2.03 0.17 -3.60
N GLY A 14 2.11 -1.11 -3.40
CA GLY A 14 1.44 -1.75 -2.23
C GLY A 14 2.17 -1.37 -0.94
N ALA A 15 3.47 -1.37 -0.98
CA ALA A 15 4.29 -1.04 0.22
C ALA A 15 3.90 0.34 0.76
N ALA A 16 3.49 1.22 -0.11
CA ALA A 16 3.13 2.60 0.31
C ALA A 16 1.96 2.60 1.28
N GLY A 17 0.89 1.92 0.97
CA GLY A 17 -0.29 1.91 1.88
C GLY A 17 0.03 1.19 3.20
N SER A 18 0.75 0.12 3.09
CA SER A 18 1.09 -0.74 4.27
C SER A 18 2.08 -0.05 5.22
N THR A 19 2.84 0.87 4.70
CA THR A 19 3.84 1.62 5.51
C THR A 19 3.18 2.86 6.11
N MET A 20 2.33 3.50 5.36
CA MET A 20 1.64 4.73 5.85
C MET A 20 0.49 4.36 6.79
N GLY A 21 -0.12 3.22 6.57
CA GLY A 21 -1.24 2.79 7.46
C GLY A 21 -0.71 2.43 8.84
N ALA A 22 0.59 2.34 8.99
CA ALA A 22 1.17 2.00 10.32
C ALA A 22 0.99 3.17 11.28
N ALA A 23 0.90 4.36 10.76
CA ALA A 23 0.72 5.55 11.65
C ALA A 23 -0.68 5.55 12.24
N SER A 24 -1.67 5.40 11.41
CA SER A 24 -3.09 5.39 11.90
C SER A 24 -3.97 4.70 10.88
N MET A 25 -3.45 3.70 10.22
CA MET A 25 -4.24 2.96 9.19
C MET A 25 -4.82 3.96 8.18
N THR A 26 -5.95 3.64 7.60
CA THR A 26 -6.56 4.57 6.61
C THR A 26 -6.94 5.88 7.29
N LEU A 27 -6.38 6.97 6.84
CA LEU A 27 -6.70 8.29 7.47
C LEU A 27 -8.16 8.66 7.15
N THR A 28 -8.53 9.89 7.40
CA THR A 28 -9.93 10.31 7.11
C THR A 28 -10.07 11.82 7.32
N VAL A 29 -9.00 12.46 7.72
CA VAL A 29 -9.06 13.94 7.94
C VAL A 29 -9.47 14.63 6.63
N GLN A 30 -10.19 15.71 6.73
CA GLN A 30 -10.61 16.43 5.49
C GLN A 30 -9.37 16.87 4.71
N ALA A 31 -9.54 17.73 3.75
CA ALA A 31 -8.37 18.20 2.95
C ALA A 31 -8.80 19.38 2.07
N ALA A 2 -3.22 -9.05 -16.74
CA ALA A 2 -2.88 -8.61 -18.12
C ALA A 2 -1.51 -7.95 -18.13
N VAL A 3 -0.59 -8.46 -18.90
CA VAL A 3 0.79 -7.89 -18.97
C VAL A 3 1.42 -7.96 -17.58
N GLY A 4 2.72 -8.11 -17.52
CA GLY A 4 3.40 -8.19 -16.18
C GLY A 4 3.76 -6.81 -15.64
N ILE A 5 3.65 -5.77 -16.40
CA ILE A 5 4.03 -4.41 -15.91
C ILE A 5 3.09 -3.94 -14.80
N GLY A 6 1.81 -4.20 -14.94
CA GLY A 6 0.85 -3.80 -13.86
C GLY A 6 1.28 -4.48 -12.56
N ALA A 7 1.71 -5.72 -12.66
CA ALA A 7 2.14 -6.50 -11.47
C ALA A 7 3.36 -5.83 -10.80
N LEU A 8 4.17 -5.17 -11.58
CA LEU A 8 5.37 -4.49 -11.03
C LEU A 8 4.97 -3.19 -10.31
N PHE A 9 4.12 -2.39 -10.91
CA PHE A 9 3.70 -1.16 -10.18
C PHE A 9 2.92 -1.62 -8.93
N LEU A 10 2.00 -2.54 -9.06
CA LEU A 10 1.23 -2.97 -7.84
C LEU A 10 2.19 -3.49 -6.77
N GLY A 11 3.15 -4.28 -7.15
CA GLY A 11 4.11 -4.84 -6.15
C GLY A 11 4.72 -3.72 -5.31
N PHE A 12 5.15 -2.64 -5.90
CA PHE A 12 5.79 -1.54 -5.11
C PHE A 12 4.76 -0.52 -4.58
N LEU A 13 3.72 -0.25 -5.33
CA LEU A 13 2.70 0.73 -4.85
C LEU A 13 1.99 0.15 -3.62
N GLY A 14 2.11 -1.14 -3.40
CA GLY A 14 1.43 -1.76 -2.22
C GLY A 14 2.18 -1.38 -0.94
N ALA A 15 3.48 -1.37 -0.99
CA ALA A 15 4.32 -1.03 0.20
C ALA A 15 3.91 0.35 0.73
N ALA A 16 3.49 1.22 -0.14
CA ALA A 16 3.12 2.61 0.26
C ALA A 16 1.94 2.60 1.25
N GLY A 17 0.89 1.89 0.94
CA GLY A 17 -0.28 1.88 1.86
C GLY A 17 0.05 1.18 3.18
N SER A 18 0.79 0.11 3.07
CA SER A 18 1.15 -0.73 4.25
C SER A 18 2.14 -0.04 5.19
N THR A 19 2.90 0.89 4.65
CA THR A 19 3.91 1.64 5.45
C THR A 19 3.24 2.88 6.06
N MET A 20 2.38 3.51 5.31
CA MET A 20 1.69 4.75 5.79
C MET A 20 0.54 4.38 6.73
N GLY A 21 0.25 3.11 6.85
CA GLY A 21 -0.86 2.67 7.75
C GLY A 21 -0.46 2.89 9.20
N ALA A 22 0.61 2.28 9.64
CA ALA A 22 1.05 2.44 11.05
C ALA A 22 1.61 3.86 11.25
N ALA A 23 1.78 4.58 10.18
CA ALA A 23 2.33 5.97 10.31
C ALA A 23 1.27 6.87 10.93
N SER A 24 0.11 6.34 11.19
CA SER A 24 -0.99 7.16 11.79
C SER A 24 -0.77 7.28 13.30
N MET A 25 0.42 7.64 13.71
CA MET A 25 0.72 7.77 15.16
C MET A 25 0.28 6.51 15.91
N THR A 26 -0.94 6.50 16.41
CA THR A 26 -1.43 5.30 17.14
C THR A 26 -2.92 5.47 17.44
N LEU A 27 -3.49 6.58 17.08
CA LEU A 27 -4.94 6.81 17.34
C LEU A 27 -5.41 8.02 16.52
N THR A 28 -4.87 9.18 16.81
CA THR A 28 -5.28 10.40 16.06
C THR A 28 -4.88 10.25 14.59
N VAL A 29 -5.83 10.09 13.71
CA VAL A 29 -5.50 9.94 12.27
C VAL A 29 -4.91 11.25 11.75
N GLN A 30 -4.92 12.28 12.55
CA GLN A 30 -4.35 13.59 12.09
C GLN A 30 -2.84 13.44 11.88
N ALA A 31 -2.28 14.27 11.05
CA ALA A 31 -0.81 14.19 10.80
C ALA A 31 -0.35 15.40 9.98
N ALA A 2 6.30 -7.36 -20.43
CA ALA A 2 5.06 -6.87 -21.08
C ALA A 2 3.84 -7.58 -20.48
N VAL A 3 2.68 -7.00 -20.64
CA VAL A 3 1.41 -7.60 -20.10
C VAL A 3 1.45 -7.64 -18.57
N GLY A 4 2.51 -8.14 -18.00
CA GLY A 4 2.60 -8.20 -16.50
C GLY A 4 3.22 -6.94 -15.90
N ILE A 5 3.28 -5.86 -16.62
CA ILE A 5 3.89 -4.62 -16.05
C ILE A 5 3.03 -4.10 -14.91
N GLY A 6 1.73 -4.23 -15.02
CA GLY A 6 0.84 -3.77 -13.91
C GLY A 6 1.27 -4.46 -12.61
N ALA A 7 1.71 -5.69 -12.71
CA ALA A 7 2.16 -6.47 -11.51
C ALA A 7 3.36 -5.81 -10.84
N LEU A 8 4.17 -5.13 -11.61
CA LEU A 8 5.38 -4.47 -11.05
C LEU A 8 5.00 -3.18 -10.32
N PHE A 9 4.16 -2.36 -10.91
CA PHE A 9 3.74 -1.13 -10.15
C PHE A 9 2.99 -1.60 -8.89
N LEU A 10 2.06 -2.51 -9.02
CA LEU A 10 1.30 -2.95 -7.81
C LEU A 10 2.26 -3.47 -6.73
N GLY A 11 3.22 -4.26 -7.12
CA GLY A 11 4.18 -4.82 -6.11
C GLY A 11 4.79 -3.71 -5.26
N PHE A 12 5.23 -2.62 -5.84
CA PHE A 12 5.86 -1.52 -5.03
C PHE A 12 4.82 -0.50 -4.53
N LEU A 13 3.79 -0.23 -5.29
CA LEU A 13 2.76 0.75 -4.81
C LEU A 13 2.04 0.17 -3.58
N GLY A 14 2.14 -1.12 -3.38
CA GLY A 14 1.46 -1.75 -2.21
C GLY A 14 2.20 -1.38 -0.92
N ALA A 15 3.51 -1.36 -0.96
CA ALA A 15 4.32 -1.03 0.24
C ALA A 15 3.92 0.35 0.77
N ALA A 16 3.50 1.22 -0.10
CA ALA A 16 3.12 2.60 0.30
C ALA A 16 1.93 2.60 1.27
N GLY A 17 0.88 1.91 0.96
CA GLY A 17 -0.31 1.90 1.86
C GLY A 17 0.01 1.19 3.18
N SER A 18 0.74 0.11 3.06
CA SER A 18 1.10 -0.74 4.24
C SER A 18 2.08 -0.05 5.18
N THR A 19 2.84 0.87 4.64
CA THR A 19 3.85 1.63 5.45
C THR A 19 3.19 2.86 6.05
N MET A 20 2.34 3.51 5.30
CA MET A 20 1.65 4.75 5.79
C MET A 20 0.49 4.38 6.72
N GLY A 21 -0.12 3.25 6.48
CA GLY A 21 -1.27 2.83 7.34
C GLY A 21 -0.79 2.60 8.78
N ALA A 22 0.47 2.80 9.03
CA ALA A 22 1.00 2.59 10.41
C ALA A 22 0.47 3.71 11.32
N ALA A 23 0.64 4.94 10.93
CA ALA A 23 0.16 6.08 11.77
C ALA A 23 -1.37 6.17 11.70
N SER A 24 -2.03 5.10 11.35
CA SER A 24 -3.53 5.14 11.26
C SER A 24 -4.08 3.72 11.34
N MET A 25 -3.49 2.88 12.16
CA MET A 25 -3.99 1.48 12.29
C MET A 25 -4.10 0.83 10.91
N THR A 26 -4.49 -0.42 10.87
CA THR A 26 -4.63 -1.13 9.56
C THR A 26 -5.88 -0.62 8.84
N LEU A 27 -6.99 -0.57 9.52
CA LEU A 27 -8.24 -0.11 8.86
C LEU A 27 -8.09 1.39 8.51
N THR A 28 -7.88 1.69 7.26
CA THR A 28 -7.73 3.11 6.85
C THR A 28 -9.07 3.84 7.03
N VAL A 29 -9.05 5.14 7.04
CA VAL A 29 -10.31 5.90 7.22
C VAL A 29 -11.20 5.70 5.98
N GLN A 30 -12.49 5.60 6.18
CA GLN A 30 -13.40 5.40 5.02
C GLN A 30 -13.41 6.66 4.17
N ALA A 31 -13.96 7.74 4.67
CA ALA A 31 -14.00 9.00 3.87
C ALA A 31 -12.57 9.51 3.66
N ALA A 2 -2.82 -3.21 -15.28
CA ALA A 2 -2.53 -2.65 -16.64
C ALA A 2 -2.37 -3.80 -17.63
N VAL A 3 -2.88 -4.95 -17.28
CA VAL A 3 -2.80 -6.15 -18.17
C VAL A 3 -1.35 -6.58 -18.36
N GLY A 4 -0.45 -5.66 -18.56
CA GLY A 4 0.99 -6.04 -18.79
C GLY A 4 1.79 -6.10 -17.48
N ILE A 5 2.84 -5.32 -17.41
CA ILE A 5 3.71 -5.29 -16.20
C ILE A 5 2.99 -4.64 -15.02
N GLY A 6 1.71 -4.47 -15.14
CA GLY A 6 0.91 -3.83 -14.02
C GLY A 6 1.32 -4.49 -12.69
N ALA A 7 1.82 -5.69 -12.79
CA ALA A 7 2.26 -6.47 -11.59
C ALA A 7 3.44 -5.79 -10.89
N LEU A 8 4.27 -5.11 -11.63
CA LEU A 8 5.45 -4.43 -11.01
C LEU A 8 5.03 -3.14 -10.30
N PHE A 9 4.21 -2.33 -10.92
CA PHE A 9 3.76 -1.10 -10.19
C PHE A 9 2.98 -1.57 -8.96
N LEU A 10 2.09 -2.52 -9.09
CA LEU A 10 1.30 -2.96 -7.90
C LEU A 10 2.23 -3.46 -6.80
N GLY A 11 3.22 -4.24 -7.14
CA GLY A 11 4.16 -4.78 -6.11
C GLY A 11 4.75 -3.67 -5.25
N PHE A 12 5.22 -2.59 -5.83
CA PHE A 12 5.84 -1.49 -4.99
C PHE A 12 4.81 -0.47 -4.49
N LEU A 13 3.80 -0.18 -5.26
CA LEU A 13 2.78 0.82 -4.78
C LEU A 13 2.05 0.24 -3.56
N GLY A 14 2.19 -1.04 -3.32
CA GLY A 14 1.50 -1.67 -2.16
C GLY A 14 2.22 -1.33 -0.85
N ALA A 15 3.52 -1.36 -0.85
CA ALA A 15 4.31 -1.05 0.38
C ALA A 15 3.92 0.32 0.91
N ALA A 16 3.58 1.22 0.03
CA ALA A 16 3.21 2.61 0.42
C ALA A 16 1.99 2.61 1.34
N GLY A 17 0.96 1.90 0.98
CA GLY A 17 -0.26 1.88 1.84
C GLY A 17 0.01 1.19 3.18
N SER A 18 0.77 0.13 3.11
CA SER A 18 1.09 -0.71 4.30
C SER A 18 2.04 -0.01 5.27
N THR A 19 2.82 0.92 4.76
CA THR A 19 3.79 1.67 5.61
C THR A 19 3.11 2.91 6.20
N MET A 20 2.28 3.54 5.42
CA MET A 20 1.56 4.76 5.87
C MET A 20 0.40 4.38 6.79
N GLY A 21 -0.10 3.18 6.63
CA GLY A 21 -1.24 2.70 7.49
C GLY A 21 -0.68 2.15 8.80
N ALA A 22 0.57 1.74 8.80
CA ALA A 22 1.17 1.18 10.04
C ALA A 22 1.41 2.31 11.05
N ALA A 23 1.37 3.54 10.60
CA ALA A 23 1.60 4.69 11.54
C ALA A 23 0.40 4.81 12.48
N SER A 24 -0.57 3.94 12.33
CA SER A 24 -1.78 4.00 13.21
C SER A 24 -2.48 2.64 13.16
N MET A 25 -1.72 1.58 13.07
CA MET A 25 -2.33 0.21 13.01
C MET A 25 -3.27 0.11 11.81
N THR A 26 -3.54 -1.08 11.34
CA THR A 26 -4.45 -1.24 10.18
C THR A 26 -5.81 -0.64 10.51
N LEU A 27 -6.00 0.63 10.24
CA LEU A 27 -7.30 1.28 10.54
C LEU A 27 -8.40 0.60 9.71
N THR A 28 -9.09 -0.35 10.27
CA THR A 28 -10.16 -1.04 9.51
C THR A 28 -11.30 -0.05 9.22
N VAL A 29 -11.39 0.42 8.01
CA VAL A 29 -12.47 1.38 7.67
C VAL A 29 -13.83 0.73 7.87
N GLN A 30 -13.84 -0.54 8.21
CA GLN A 30 -15.14 -1.24 8.43
C GLN A 30 -15.86 -0.62 9.62
N ALA A 31 -17.01 -0.05 9.41
CA ALA A 31 -17.78 0.58 10.53
C ALA A 31 -16.88 1.57 11.28
N ALA A 2 1.66 -11.49 -14.80
CA ALA A 2 2.31 -11.69 -16.12
C ALA A 2 1.58 -10.86 -17.18
N VAL A 3 2.00 -10.96 -18.41
CA VAL A 3 1.36 -10.19 -19.53
C VAL A 3 1.48 -8.69 -19.27
N GLY A 4 0.77 -8.17 -18.31
CA GLY A 4 0.86 -6.71 -18.00
C GLY A 4 1.92 -6.43 -16.95
N ILE A 5 2.74 -5.44 -17.18
CA ILE A 5 3.78 -5.06 -16.19
C ILE A 5 3.09 -4.46 -14.97
N GLY A 6 1.80 -4.28 -15.07
CA GLY A 6 1.00 -3.70 -13.94
C GLY A 6 1.42 -4.41 -12.64
N ALA A 7 1.88 -5.62 -12.78
CA ALA A 7 2.33 -6.44 -11.62
C ALA A 7 3.50 -5.77 -10.90
N LEU A 8 4.31 -5.05 -11.63
CA LEU A 8 5.49 -4.37 -11.02
C LEU A 8 5.05 -3.12 -10.26
N PHE A 9 4.21 -2.28 -10.87
CA PHE A 9 3.76 -1.08 -10.10
C PHE A 9 2.96 -1.60 -8.90
N LEU A 10 2.06 -2.53 -9.07
CA LEU A 10 1.26 -3.02 -7.90
C LEU A 10 2.18 -3.55 -6.80
N GLY A 11 3.18 -4.30 -7.17
CA GLY A 11 4.10 -4.88 -6.15
C GLY A 11 4.67 -3.78 -5.24
N PHE A 12 5.13 -2.68 -5.79
CA PHE A 12 5.71 -1.60 -4.91
C PHE A 12 4.66 -0.62 -4.39
N LEU A 13 3.64 -0.33 -5.15
CA LEU A 13 2.60 0.61 -4.66
C LEU A 13 1.93 0.00 -3.42
N GLY A 14 2.06 -1.28 -3.24
CA GLY A 14 1.44 -1.96 -2.05
C GLY A 14 2.34 -1.78 -0.83
N ALA A 15 3.46 -1.14 -1.01
CA ALA A 15 4.39 -0.87 0.13
C ALA A 15 4.00 0.46 0.77
N ALA A 16 3.64 1.40 -0.06
CA ALA A 16 3.27 2.76 0.40
C ALA A 16 2.04 2.73 1.33
N GLY A 17 1.01 2.05 0.94
CA GLY A 17 -0.22 1.99 1.79
C GLY A 17 0.06 1.25 3.10
N SER A 18 0.83 0.19 2.99
CA SER A 18 1.13 -0.68 4.15
C SER A 18 2.09 -0.01 5.15
N THR A 19 2.85 0.94 4.67
CA THR A 19 3.82 1.68 5.53
C THR A 19 3.12 2.89 6.16
N MET A 20 2.29 3.55 5.39
CA MET A 20 1.56 4.75 5.89
C MET A 20 0.39 4.33 6.78
N GLY A 21 0.46 3.16 7.35
CA GLY A 21 -0.65 2.68 8.21
C GLY A 21 -0.94 3.72 9.31
N ALA A 22 0.03 4.01 10.14
CA ALA A 22 -0.19 5.00 11.22
C ALA A 22 -0.28 6.41 10.62
N ALA A 23 0.71 6.79 9.84
CA ALA A 23 0.68 8.14 9.21
C ALA A 23 -0.35 8.19 8.09
N SER A 24 -1.46 7.52 8.26
CA SER A 24 -2.52 7.51 7.21
C SER A 24 -3.31 8.82 7.26
N MET A 25 -3.12 9.58 8.30
CA MET A 25 -3.85 10.88 8.44
C MET A 25 -5.35 10.67 8.17
N THR A 26 -5.77 10.85 6.95
CA THR A 26 -7.22 10.68 6.62
C THR A 26 -7.38 10.59 5.10
N LEU A 27 -8.42 9.96 4.64
CA LEU A 27 -8.63 9.84 3.16
C LEU A 27 -8.99 11.22 2.60
N THR A 28 -8.02 11.94 2.10
CA THR A 28 -8.30 13.29 1.54
C THR A 28 -7.03 13.84 0.89
N VAL A 29 -5.95 13.12 0.97
CA VAL A 29 -4.68 13.61 0.36
C VAL A 29 -4.86 13.72 -1.15
N GLN A 30 -5.46 12.74 -1.76
CA GLN A 30 -5.66 12.79 -3.24
C GLN A 30 -6.51 14.01 -3.60
N ALA A 31 -6.32 14.57 -4.76
CA ALA A 31 -7.12 15.75 -5.17
C ALA A 31 -8.59 15.36 -5.29
N ALA A 2 -1.98 -5.50 -20.69
CA ALA A 2 -1.48 -6.79 -21.22
C ALA A 2 -1.22 -7.75 -20.06
N VAL A 3 -1.63 -7.37 -18.89
CA VAL A 3 -1.43 -8.25 -17.69
C VAL A 3 0.05 -8.64 -17.56
N GLY A 4 0.80 -7.85 -16.86
CA GLY A 4 2.24 -8.15 -16.64
C GLY A 4 2.95 -7.01 -15.92
N ILE A 5 3.15 -5.89 -16.58
CA ILE A 5 3.85 -4.76 -15.93
C ILE A 5 2.99 -4.20 -14.79
N GLY A 6 1.69 -4.28 -14.93
CA GLY A 6 0.80 -3.79 -13.83
C GLY A 6 1.25 -4.46 -12.52
N ALA A 7 1.71 -5.67 -12.62
CA ALA A 7 2.17 -6.44 -11.43
C ALA A 7 3.39 -5.77 -10.78
N LEU A 8 4.19 -5.09 -11.56
CA LEU A 8 5.42 -4.42 -11.03
C LEU A 8 5.03 -3.13 -10.29
N PHE A 9 4.21 -2.30 -10.87
CA PHE A 9 3.81 -1.07 -10.11
C PHE A 9 3.02 -1.55 -8.88
N LEU A 10 2.09 -2.46 -9.02
CA LEU A 10 1.32 -2.91 -7.83
C LEU A 10 2.27 -3.44 -6.75
N GLY A 11 3.24 -4.21 -7.13
CA GLY A 11 4.19 -4.78 -6.14
C GLY A 11 4.80 -3.68 -5.26
N PHE A 12 5.24 -2.59 -5.85
CA PHE A 12 5.87 -1.49 -5.03
C PHE A 12 4.83 -0.48 -4.53
N LEU A 13 3.81 -0.19 -5.29
CA LEU A 13 2.79 0.79 -4.83
C LEU A 13 2.06 0.21 -3.61
N GLY A 14 2.13 -1.08 -3.42
CA GLY A 14 1.45 -1.71 -2.26
C GLY A 14 2.18 -1.36 -0.96
N ALA A 15 3.48 -1.36 -1.00
CA ALA A 15 4.30 -1.05 0.20
C ALA A 15 3.91 0.32 0.75
N ALA A 16 3.51 1.21 -0.13
CA ALA A 16 3.14 2.60 0.29
C ALA A 16 1.95 2.59 1.25
N GLY A 17 0.89 1.92 0.90
CA GLY A 17 -0.31 1.91 1.81
C GLY A 17 0.00 1.17 3.12
N SER A 18 0.73 0.09 3.00
CA SER A 18 1.06 -0.77 4.16
C SER A 18 2.05 -0.10 5.12
N THR A 19 2.83 0.82 4.59
CA THR A 19 3.84 1.55 5.41
C THR A 19 3.19 2.79 6.02
N MET A 20 2.34 3.45 5.28
CA MET A 20 1.66 4.68 5.77
C MET A 20 0.50 4.31 6.70
N GLY A 21 0.11 3.05 6.69
CA GLY A 21 -1.01 2.62 7.57
C GLY A 21 -0.58 2.67 9.03
N ALA A 22 0.66 2.35 9.31
CA ALA A 22 1.15 2.37 10.71
C ALA A 22 1.27 3.82 11.18
N ALA A 23 1.24 4.75 10.27
CA ALA A 23 1.37 6.19 10.65
C ALA A 23 0.08 6.64 11.35
N SER A 24 -1.02 6.00 11.04
CA SER A 24 -2.31 6.38 11.68
C SER A 24 -2.40 5.75 13.07
N MET A 25 -1.28 5.39 13.63
CA MET A 25 -1.29 4.78 14.99
C MET A 25 -2.22 3.55 14.99
N THR A 26 -3.08 3.43 15.97
CA THR A 26 -4.01 2.27 16.03
C THR A 26 -5.15 2.50 15.04
N LEU A 27 -5.96 1.50 14.79
CA LEU A 27 -7.09 1.66 13.84
C LEU A 27 -8.12 2.62 14.45
N THR A 28 -8.26 3.78 13.87
CA THR A 28 -9.25 4.77 14.41
C THR A 28 -9.50 5.86 13.38
N VAL A 29 -10.64 6.49 13.42
CA VAL A 29 -10.96 7.55 12.43
C VAL A 29 -9.91 8.67 12.55
N GLN A 30 -10.18 9.82 11.98
CA GLN A 30 -9.21 10.95 12.05
C GLN A 30 -7.84 10.48 11.56
N ALA A 31 -7.70 10.30 10.27
CA ALA A 31 -6.39 9.84 9.72
C ALA A 31 -6.43 9.93 8.19
N ALA A 2 2.13 -10.99 -14.91
CA ALA A 2 1.80 -11.46 -16.28
C ALA A 2 0.65 -10.61 -16.85
N VAL A 3 0.31 -10.84 -18.10
CA VAL A 3 -0.79 -10.06 -18.75
C VAL A 3 -0.44 -8.57 -18.81
N GLY A 4 0.55 -8.15 -18.08
CA GLY A 4 0.96 -6.72 -18.10
C GLY A 4 2.00 -6.43 -17.01
N ILE A 5 2.83 -5.45 -17.23
CA ILE A 5 3.85 -5.06 -16.23
C ILE A 5 3.13 -4.47 -15.01
N GLY A 6 1.84 -4.30 -15.13
CA GLY A 6 1.02 -3.73 -14.00
C GLY A 6 1.42 -4.43 -12.71
N ALA A 7 1.90 -5.63 -12.83
CA ALA A 7 2.32 -6.44 -11.65
C ALA A 7 3.49 -5.76 -10.92
N LEU A 8 4.30 -5.04 -11.65
CA LEU A 8 5.47 -4.34 -11.02
C LEU A 8 5.01 -3.09 -10.28
N PHE A 9 4.17 -2.28 -10.88
CA PHE A 9 3.70 -1.08 -10.12
C PHE A 9 2.91 -1.61 -8.90
N LEU A 10 2.01 -2.53 -9.07
CA LEU A 10 1.22 -3.03 -7.90
C LEU A 10 2.16 -3.56 -6.81
N GLY A 11 3.14 -4.32 -7.19
CA GLY A 11 4.07 -4.90 -6.16
C GLY A 11 4.65 -3.81 -5.26
N PHE A 12 5.10 -2.70 -5.79
CA PHE A 12 5.70 -1.63 -4.94
C PHE A 12 4.65 -0.64 -4.40
N LEU A 13 3.63 -0.35 -5.15
CA LEU A 13 2.59 0.60 -4.64
C LEU A 13 1.93 -0.01 -3.40
N GLY A 14 2.07 -1.30 -3.22
CA GLY A 14 1.46 -1.97 -2.02
C GLY A 14 2.36 -1.79 -0.81
N ALA A 15 3.48 -1.14 -0.98
CA ALA A 15 4.42 -0.87 0.16
C ALA A 15 4.02 0.47 0.80
N ALA A 16 3.66 1.40 -0.04
CA ALA A 16 3.29 2.77 0.42
C ALA A 16 2.06 2.74 1.33
N GLY A 17 1.03 2.04 0.95
CA GLY A 17 -0.19 1.99 1.80
C GLY A 17 0.07 1.25 3.12
N SER A 18 0.84 0.20 3.02
CA SER A 18 1.16 -0.66 4.19
C SER A 18 2.10 0.02 5.19
N THR A 19 2.86 0.97 4.71
CA THR A 19 3.82 1.72 5.57
C THR A 19 3.11 2.93 6.19
N MET A 20 2.28 3.58 5.42
CA MET A 20 1.55 4.79 5.92
C MET A 20 0.38 4.36 6.81
N GLY A 21 0.37 3.12 7.23
CA GLY A 21 -0.74 2.65 8.12
C GLY A 21 -0.57 3.26 9.51
N ALA A 22 0.54 3.88 9.77
CA ALA A 22 0.75 4.50 11.11
C ALA A 22 -0.15 5.72 11.26
N ALA A 23 -0.28 6.50 10.22
CA ALA A 23 -1.15 7.72 10.30
C ALA A 23 -2.61 7.30 10.37
N SER A 24 -2.87 6.02 10.45
CA SER A 24 -4.28 5.53 10.53
C SER A 24 -4.81 5.69 11.95
N MET A 25 -4.36 6.71 12.64
CA MET A 25 -4.84 6.94 14.05
C MET A 25 -4.71 5.65 14.86
N THR A 26 -3.51 5.25 15.18
CA THR A 26 -3.31 4.01 15.97
C THR A 26 -3.86 4.22 17.39
N LEU A 27 -3.22 3.65 18.38
CA LEU A 27 -3.71 3.82 19.78
C LEU A 27 -5.18 3.38 19.88
N THR A 28 -5.50 2.25 19.32
CA THR A 28 -6.90 1.76 19.38
C THR A 28 -7.26 1.40 20.83
N VAL A 29 -8.53 1.31 21.13
CA VAL A 29 -8.93 0.97 22.52
C VAL A 29 -8.40 -0.42 22.89
N GLN A 30 -7.95 -0.59 24.09
CA GLN A 30 -7.42 -1.92 24.50
C GLN A 30 -8.55 -2.95 24.54
N ALA A 31 -9.71 -2.56 24.99
CA ALA A 31 -10.86 -3.51 25.05
C ALA A 31 -12.13 -2.75 25.39
N ALA A 2 -4.04 -6.99 -15.71
CA ALA A 2 -4.19 -6.19 -16.97
C ALA A 2 -3.25 -6.75 -18.04
N VAL A 3 -2.80 -7.96 -17.85
CA VAL A 3 -1.87 -8.61 -18.83
C VAL A 3 -0.55 -7.84 -18.94
N GLY A 4 -0.51 -6.59 -18.54
CA GLY A 4 0.77 -5.82 -18.64
C GLY A 4 1.63 -5.99 -17.38
N ILE A 5 2.70 -5.24 -17.34
CA ILE A 5 3.63 -5.29 -16.18
C ILE A 5 2.97 -4.64 -14.95
N GLY A 6 1.69 -4.41 -15.03
CA GLY A 6 0.95 -3.78 -13.88
C GLY A 6 1.37 -4.46 -12.59
N ALA A 7 1.84 -5.67 -12.70
CA ALA A 7 2.28 -6.47 -11.52
C ALA A 7 3.48 -5.80 -10.83
N LEU A 8 4.30 -5.11 -11.58
CA LEU A 8 5.49 -4.44 -10.98
C LEU A 8 5.08 -3.16 -10.25
N PHE A 9 4.26 -2.33 -10.84
CA PHE A 9 3.84 -1.11 -10.07
C PHE A 9 3.06 -1.60 -8.85
N LEU A 10 2.13 -2.51 -8.99
CA LEU A 10 1.35 -2.96 -7.80
C LEU A 10 2.29 -3.46 -6.70
N GLY A 11 3.28 -4.23 -7.07
CA GLY A 11 4.23 -4.77 -6.05
C GLY A 11 4.80 -3.64 -5.18
N PHE A 12 5.25 -2.55 -5.76
CA PHE A 12 5.84 -1.44 -4.96
C PHE A 12 4.78 -0.43 -4.49
N LEU A 13 3.78 -0.15 -5.29
CA LEU A 13 2.74 0.84 -4.88
C LEU A 13 2.00 0.26 -3.66
N GLY A 14 2.09 -1.02 -3.43
CA GLY A 14 1.38 -1.65 -2.28
C GLY A 14 2.12 -1.31 -0.98
N ALA A 15 3.43 -1.35 -0.99
CA ALA A 15 4.24 -1.07 0.23
C ALA A 15 3.87 0.32 0.79
N ALA A 16 3.50 1.22 -0.09
CA ALA A 16 3.17 2.61 0.33
C ALA A 16 1.96 2.60 1.28
N GLY A 17 0.91 1.93 0.95
CA GLY A 17 -0.28 1.91 1.83
C GLY A 17 0.01 1.19 3.15
N SER A 18 0.75 0.12 3.04
CA SER A 18 1.08 -0.74 4.23
C SER A 18 2.06 -0.07 5.19
N THR A 19 2.84 0.85 4.69
CA THR A 19 3.83 1.59 5.53
C THR A 19 3.17 2.82 6.14
N MET A 20 2.34 3.48 5.38
CA MET A 20 1.64 4.70 5.86
C MET A 20 0.49 4.32 6.78
N GLY A 21 -0.14 3.20 6.53
CA GLY A 21 -1.26 2.75 7.39
C GLY A 21 -0.71 2.07 8.64
N ALA A 22 0.58 2.10 8.82
CA ALA A 22 1.21 1.45 10.01
C ALA A 22 0.88 2.26 11.26
N ALA A 23 0.45 3.48 11.09
CA ALA A 23 0.12 4.32 12.28
C ALA A 23 -1.15 3.79 12.94
N SER A 24 -1.88 2.97 12.24
CA SER A 24 -3.14 2.40 12.81
C SER A 24 -2.80 1.22 13.73
N MET A 25 -2.07 1.47 14.78
CA MET A 25 -1.69 0.39 15.72
C MET A 25 -1.09 -0.79 14.95
N THR A 26 -0.82 -1.88 15.61
CA THR A 26 -0.22 -3.06 14.90
C THR A 26 -1.26 -3.65 13.95
N LEU A 27 -2.44 -3.92 14.43
CA LEU A 27 -3.50 -4.50 13.55
C LEU A 27 -4.84 -4.47 14.29
N THR A 28 -5.86 -3.94 13.67
CA THR A 28 -7.19 -3.88 14.34
C THR A 28 -8.25 -3.47 13.31
N VAL A 29 -8.00 -3.70 12.05
CA VAL A 29 -9.00 -3.32 11.02
C VAL A 29 -10.23 -4.21 11.14
N GLN A 30 -11.36 -3.65 11.49
CA GLN A 30 -12.59 -4.47 11.62
C GLN A 30 -12.88 -5.20 10.31
N ALA A 31 -14.04 -5.79 10.19
CA ALA A 31 -14.38 -6.52 8.93
C ALA A 31 -15.87 -6.89 8.94
N ALA A 2 2.04 -13.97 -20.37
CA ALA A 2 2.83 -12.78 -20.79
C ALA A 2 2.02 -11.51 -20.54
N VAL A 3 2.62 -10.36 -20.76
CA VAL A 3 1.91 -9.07 -20.54
C VAL A 3 1.40 -8.98 -19.10
N GLY A 4 2.00 -8.12 -18.33
CA GLY A 4 1.56 -7.92 -16.92
C GLY A 4 2.50 -6.97 -16.18
N ILE A 5 2.84 -5.85 -16.77
CA ILE A 5 3.73 -4.88 -16.09
C ILE A 5 2.98 -4.28 -14.89
N GLY A 6 1.68 -4.24 -15.00
CA GLY A 6 0.86 -3.69 -13.85
C GLY A 6 1.30 -4.40 -12.56
N ALA A 7 1.74 -5.62 -12.69
CA ALA A 7 2.20 -6.43 -11.53
C ALA A 7 3.42 -5.78 -10.85
N LEU A 8 4.23 -5.10 -11.62
CA LEU A 8 5.45 -4.45 -11.05
C LEU A 8 5.07 -3.17 -10.30
N PHE A 9 4.23 -2.33 -10.89
CA PHE A 9 3.84 -1.11 -10.11
C PHE A 9 3.07 -1.59 -8.88
N LEU A 10 2.14 -2.50 -9.01
CA LEU A 10 1.37 -2.95 -7.80
C LEU A 10 2.32 -3.47 -6.72
N GLY A 11 3.30 -4.24 -7.09
CA GLY A 11 4.25 -4.80 -6.09
C GLY A 11 4.85 -3.68 -5.22
N PHE A 12 5.28 -2.59 -5.80
CA PHE A 12 5.89 -1.48 -4.98
C PHE A 12 4.83 -0.48 -4.49
N LEU A 13 3.81 -0.21 -5.26
CA LEU A 13 2.77 0.76 -4.82
C LEU A 13 2.04 0.18 -3.60
N GLY A 14 2.12 -1.12 -3.40
CA GLY A 14 1.44 -1.75 -2.24
C GLY A 14 2.16 -1.39 -0.95
N ALA A 15 3.46 -1.37 -0.98
CA ALA A 15 4.29 -1.04 0.22
C ALA A 15 3.89 0.33 0.77
N ALA A 16 3.49 1.22 -0.10
CA ALA A 16 3.12 2.61 0.32
C ALA A 16 1.93 2.60 1.28
N GLY A 17 0.87 1.93 0.94
CA GLY A 17 -0.32 1.92 1.85
C GLY A 17 -0.01 1.19 3.15
N SER A 18 0.73 0.11 3.03
CA SER A 18 1.06 -0.74 4.20
C SER A 18 2.05 -0.07 5.15
N THR A 19 2.81 0.86 4.62
CA THR A 19 3.83 1.60 5.43
C THR A 19 3.17 2.83 6.06
N MET A 20 2.32 3.50 5.31
CA MET A 20 1.64 4.73 5.80
C MET A 20 0.49 4.34 6.74
N GLY A 21 0.11 3.10 6.74
CA GLY A 21 -1.01 2.65 7.62
C GLY A 21 -0.63 2.86 9.09
N ALA A 22 0.64 3.04 9.36
CA ALA A 22 1.08 3.24 10.77
C ALA A 22 0.66 4.64 11.25
N ALA A 23 1.12 5.66 10.59
CA ALA A 23 0.74 7.05 11.01
C ALA A 23 -0.73 7.32 10.67
N SER A 24 -1.37 6.37 10.05
CA SER A 24 -2.82 6.56 9.69
C SER A 24 -3.69 6.29 10.91
N MET A 25 -3.21 6.62 12.09
CA MET A 25 -4.02 6.39 13.32
C MET A 25 -4.48 4.92 13.37
N THR A 26 -5.71 4.69 13.72
CA THR A 26 -6.22 3.29 13.79
C THR A 26 -7.74 3.30 13.98
N LEU A 27 -8.36 4.43 13.78
CA LEU A 27 -9.84 4.51 13.96
C LEU A 27 -10.53 3.71 12.83
N THR A 28 -9.79 3.34 11.83
CA THR A 28 -10.39 2.57 10.70
C THR A 28 -10.91 1.23 11.23
N VAL A 29 -12.18 0.97 11.10
CA VAL A 29 -12.74 -0.32 11.59
C VAL A 29 -12.21 -1.46 10.72
N GLN A 30 -11.10 -2.02 11.09
CA GLN A 30 -10.52 -3.14 10.29
C GLN A 30 -11.50 -4.33 10.31
N ALA A 31 -12.23 -4.48 11.37
CA ALA A 31 -13.20 -5.62 11.43
C ALA A 31 -14.32 -5.39 10.42
N ALA A 2 3.36 -11.64 -22.50
CA ALA A 2 2.99 -10.20 -22.48
C ALA A 2 2.07 -9.92 -21.30
N VAL A 3 1.70 -8.67 -21.11
CA VAL A 3 0.80 -8.32 -19.98
C VAL A 3 1.42 -8.77 -18.65
N GLY A 4 1.90 -7.84 -17.89
CA GLY A 4 2.51 -8.18 -16.57
C GLY A 4 3.17 -6.96 -15.91
N ILE A 5 3.29 -5.86 -16.60
CA ILE A 5 3.94 -4.66 -15.99
C ILE A 5 3.08 -4.12 -14.86
N GLY A 6 1.78 -4.26 -14.98
CA GLY A 6 0.88 -3.79 -13.88
C GLY A 6 1.32 -4.47 -12.58
N ALA A 7 1.76 -5.70 -12.67
CA ALA A 7 2.21 -6.47 -11.48
C ALA A 7 3.40 -5.79 -10.80
N LEU A 8 4.20 -5.11 -11.58
CA LEU A 8 5.41 -4.42 -11.02
C LEU A 8 4.99 -3.13 -10.30
N PHE A 9 4.14 -2.32 -10.89
CA PHE A 9 3.71 -1.10 -10.14
C PHE A 9 2.93 -1.58 -8.91
N LEU A 10 1.99 -2.48 -9.03
CA LEU A 10 1.22 -2.91 -7.83
C LEU A 10 2.19 -3.46 -6.76
N GLY A 11 3.15 -4.25 -7.17
CA GLY A 11 4.11 -4.82 -6.18
C GLY A 11 4.73 -3.72 -5.32
N PHE A 12 5.19 -2.64 -5.90
CA PHE A 12 5.83 -1.55 -5.09
C PHE A 12 4.80 -0.54 -4.55
N LEU A 13 3.77 -0.24 -5.31
CA LEU A 13 2.76 0.75 -4.81
C LEU A 13 2.04 0.17 -3.58
N GLY A 14 2.14 -1.12 -3.38
CA GLY A 14 1.46 -1.76 -2.21
C GLY A 14 2.20 -1.39 -0.92
N ALA A 15 3.51 -1.37 -0.96
CA ALA A 15 4.33 -1.04 0.24
C ALA A 15 3.93 0.34 0.77
N ALA A 16 3.51 1.21 -0.10
CA ALA A 16 3.14 2.60 0.31
C ALA A 16 1.96 2.59 1.27
N GLY A 17 0.90 1.91 0.94
CA GLY A 17 -0.29 1.90 1.85
C GLY A 17 0.03 1.18 3.17
N SER A 18 0.77 0.11 3.06
CA SER A 18 1.12 -0.74 4.23
C SER A 18 2.10 -0.05 5.18
N THR A 19 2.85 0.88 4.64
CA THR A 19 3.86 1.64 5.44
C THR A 19 3.20 2.88 6.06
N MET A 20 2.34 3.51 5.31
CA MET A 20 1.65 4.74 5.79
C MET A 20 0.50 4.36 6.74
N GLY A 21 0.52 3.16 7.25
CA GLY A 21 -0.57 2.72 8.16
C GLY A 21 -0.72 3.71 9.32
N ALA A 22 0.35 4.32 9.74
CA ALA A 22 0.26 5.30 10.86
C ALA A 22 -0.43 6.58 10.37
N ALA A 23 0.15 7.24 9.40
CA ALA A 23 -0.46 8.49 8.88
C ALA A 23 -1.70 8.17 8.05
N SER A 24 -2.26 7.00 8.22
CA SER A 24 -3.48 6.62 7.43
C SER A 24 -4.71 7.27 8.05
N MET A 25 -4.55 8.42 8.64
CA MET A 25 -5.71 9.12 9.27
C MET A 25 -6.43 8.18 10.25
N THR A 26 -6.13 8.28 11.52
CA THR A 26 -6.78 7.38 12.51
C THR A 26 -8.28 7.71 12.57
N LEU A 27 -8.62 8.82 13.18
CA LEU A 27 -10.06 9.19 13.29
C LEU A 27 -10.62 9.44 11.88
N THR A 28 -11.79 10.00 11.79
CA THR A 28 -12.39 10.28 10.45
C THR A 28 -13.67 11.10 10.62
N VAL A 29 -13.94 11.98 9.71
CA VAL A 29 -15.18 12.82 9.81
C VAL A 29 -16.41 11.91 9.64
N GLN A 30 -17.56 12.51 9.42
CA GLN A 30 -18.79 11.68 9.24
C GLN A 30 -18.64 10.82 7.98
N ALA A 31 -18.85 9.54 8.10
CA ALA A 31 -18.73 8.65 6.91
C ALA A 31 -19.88 8.92 5.95
N ALA A 2 -5.22 -10.33 -17.80
CA ALA A 2 -4.65 -10.21 -19.18
C ALA A 2 -3.13 -10.11 -19.09
N VAL A 3 -2.61 -10.23 -17.90
CA VAL A 3 -1.12 -10.17 -17.71
C VAL A 3 -0.58 -8.81 -18.16
N GLY A 4 0.39 -8.31 -17.47
CA GLY A 4 1.01 -7.01 -17.85
C GLY A 4 2.04 -6.57 -16.81
N ILE A 5 2.75 -5.53 -17.13
CA ILE A 5 3.77 -4.98 -16.19
C ILE A 5 3.07 -4.40 -14.98
N GLY A 6 1.77 -4.23 -15.07
CA GLY A 6 0.99 -3.66 -13.91
C GLY A 6 1.41 -4.38 -12.63
N ALA A 7 1.89 -5.58 -12.78
CA ALA A 7 2.32 -6.42 -11.62
C ALA A 7 3.51 -5.77 -10.88
N LEU A 8 4.35 -5.07 -11.60
CA LEU A 8 5.53 -4.42 -10.96
C LEU A 8 5.09 -3.16 -10.20
N PHE A 9 4.26 -2.32 -10.79
CA PHE A 9 3.82 -1.13 -10.00
C PHE A 9 3.00 -1.65 -8.81
N LEU A 10 2.09 -2.57 -9.01
CA LEU A 10 1.29 -3.06 -7.85
C LEU A 10 2.22 -3.56 -6.74
N GLY A 11 3.23 -4.32 -7.10
CA GLY A 11 4.15 -4.86 -6.07
C GLY A 11 4.70 -3.74 -5.17
N PHE A 12 5.12 -2.63 -5.72
CA PHE A 12 5.68 -1.52 -4.87
C PHE A 12 4.59 -0.55 -4.40
N LEU A 13 3.59 -0.29 -5.20
CA LEU A 13 2.51 0.64 -4.74
C LEU A 13 1.83 0.03 -3.50
N GLY A 14 1.95 -1.26 -3.33
CA GLY A 14 1.34 -1.94 -2.15
C GLY A 14 2.25 -1.77 -0.93
N ALA A 15 3.38 -1.14 -1.11
CA ALA A 15 4.32 -0.90 0.02
C ALA A 15 3.96 0.43 0.69
N ALA A 16 3.60 1.39 -0.14
CA ALA A 16 3.26 2.75 0.35
C ALA A 16 2.04 2.71 1.28
N GLY A 17 1.00 2.03 0.91
CA GLY A 17 -0.20 1.98 1.78
C GLY A 17 0.08 1.24 3.09
N SER A 18 0.83 0.19 2.97
CA SER A 18 1.17 -0.69 4.14
C SER A 18 2.12 -0.03 5.14
N THR A 19 2.90 0.92 4.66
CA THR A 19 3.87 1.65 5.52
C THR A 19 3.18 2.87 6.15
N MET A 20 2.34 3.53 5.39
CA MET A 20 1.63 4.73 5.90
C MET A 20 0.47 4.32 6.81
N GLY A 21 0.31 3.04 7.01
CA GLY A 21 -0.80 2.55 7.90
C GLY A 21 -0.37 2.68 9.37
N ALA A 22 0.81 3.20 9.61
CA ALA A 22 1.30 3.34 11.01
C ALA A 22 0.52 4.47 11.70
N ALA A 23 0.55 5.65 11.17
CA ALA A 23 -0.18 6.78 11.80
C ALA A 23 -1.68 6.58 11.62
N SER A 24 -2.06 5.54 10.93
CA SER A 24 -3.52 5.27 10.70
C SER A 24 -4.10 4.59 11.94
N MET A 25 -3.79 5.09 13.10
CA MET A 25 -4.32 4.47 14.36
C MET A 25 -4.05 2.96 14.36
N THR A 26 -4.70 2.23 15.21
CA THR A 26 -4.49 0.76 15.25
C THR A 26 -4.81 0.16 13.88
N LEU A 27 -4.85 -1.15 13.79
CA LEU A 27 -5.15 -1.79 12.47
C LEU A 27 -6.55 -1.32 12.01
N THR A 28 -7.01 -1.83 10.90
CA THR A 28 -8.35 -1.42 10.40
C THR A 28 -9.43 -1.90 11.37
N VAL A 29 -10.55 -1.25 11.40
CA VAL A 29 -11.64 -1.67 12.32
C VAL A 29 -12.17 -3.05 11.89
N GLN A 30 -12.62 -3.84 12.83
CA GLN A 30 -13.15 -5.19 12.46
C GLN A 30 -14.35 -5.03 11.53
N ALA A 31 -14.65 -6.04 10.77
CA ALA A 31 -15.80 -5.95 9.84
C ALA A 31 -17.11 -5.86 10.64
#